data_1FRF
#
_entry.id   1FRF
#
_cell.length_a   65.610
_cell.length_b   99.770
_cell.length_c   184.510
_cell.angle_alpha   90.00
_cell.angle_beta   90.88
_cell.angle_gamma   90.00
#
_symmetry.space_group_name_H-M   'P 1 21 1'
#
loop_
_entity.id
_entity.type
_entity.pdbx_description
1 polymer '[NI-FE] HYDROGENASE'
2 polymer '[NI-FE] HYDROGENASE'
3 non-polymer 'IRON/SULFUR CLUSTER'
4 non-polymer 'FE3-S4 CLUSTER'
5 non-polymer 'FE (III) ION'
6 non-polymer 'NICKEL (II) ION'
7 non-polymer 'MAGNESIUM ION'
8 water water
#
loop_
_entity_poly.entity_id
_entity_poly.type
_entity_poly.pdbx_seq_one_letter_code
_entity_poly.pdbx_strand_id
1 'polypeptide(L)'
;LTAKHRPSVVWLHNAECTGCTEAAIRTIKPYIDALILDTISLDYQETIMAAAGETSEAALHEALEGKDGYYLVVEGGLPT
IDGGQWGMVAGHPMIETCKKAAAKAKGIICIGTCSPYGGVQKAKPNPSQAKGVSEALGVKTINIPGCPPNPINFVGAVVH
VLTKGIPDLDENGRPKLFYGELVHDNCPRLPHFEASEFAPSFDSEEAKKGFCLYELGCKGPVTYNNCPKVLFNQVNWPVQ
AGHPCLGCSEPDFWDTMTPFYEQG
;
S
2 'polypeptide(L)'
;MAESKPTPQSTFTGPIVVDPITRIEGHLRIMVEVENGKVKDAWSSSQLFRGLEIILKGRDPRDAQHFTQRACGVCTYVHA
LASSRCVDDAVKVSIPANARMMRNLVMASQYLHDHLVHFYHLHALDWVDVTAALKADPNKAAKLAASIDTARTGNSEKAL
KAVQDKLKAFVESGQLGIFTNAYFLGGHKAYYLPPEVNLIATAHYLEALHMQVKAASAMAILGGKNPHTQFTVVGGCSNY
QGLTKDPLANYLALSKEVCQFVNECYIPDLLAVAGFYKDWGGIGGTSNYLAFGEFATDDSSPEKHLATSQFPSGVITGRD
LGKVDNVDLGAIYEDVKYSWYAPGGDGKHPYDGVTDPKYTKLDDKDHYSWMKAPRYKGKAMEVGPLARTFIAYAKGQPDF
KKVVDMVLGKLSVPATALHSTLGRTAARGIETAIVCANMEKWIKEMADSGAKDNTLCAKWEMPEESKGVGLADAPRGSLS
HWIRIKGKKIDNFQLVVPSTWNLGPRGPQGDKSPVEEALIGTPIADPKRPVEILRTVHAFDPCIACGVHVIEPETNEILK
FKVC
;
L
#
# COMPACT_ATOMS: atom_id res chain seq x y z
N LYS A 4 23.28 5.05 -20.34
CA LYS A 4 24.77 5.00 -20.14
C LYS A 4 25.20 3.54 -20.26
N HIS A 5 26.02 3.04 -19.33
CA HIS A 5 26.44 1.63 -19.32
C HIS A 5 25.14 0.79 -19.17
N ARG A 6 24.17 1.31 -18.41
CA ARG A 6 22.87 0.68 -18.22
C ARG A 6 21.86 1.73 -18.66
N PRO A 7 20.84 1.31 -19.44
CA PRO A 7 19.86 2.30 -19.89
C PRO A 7 19.09 2.94 -18.75
N SER A 8 18.89 4.24 -18.87
CA SER A 8 18.23 5.04 -17.87
C SER A 8 16.73 5.13 -18.09
N VAL A 9 15.98 4.75 -17.05
CA VAL A 9 14.52 4.78 -17.05
C VAL A 9 14.09 5.77 -15.97
N VAL A 10 13.18 6.68 -16.32
CA VAL A 10 12.63 7.68 -15.41
C VAL A 10 11.17 7.27 -15.18
N TRP A 11 10.78 7.04 -13.93
CA TRP A 11 9.43 6.59 -13.60
C TRP A 11 8.65 7.72 -12.93
N LEU A 12 7.47 8.01 -13.47
CA LEU A 12 6.63 9.05 -12.96
C LEU A 12 5.34 8.51 -12.34
N HIS A 13 4.90 9.15 -11.25
CA HIS A 13 3.68 8.77 -10.54
C HIS A 13 2.74 10.00 -10.58
N ASN A 14 1.54 9.80 -11.10
CA ASN A 14 0.54 10.86 -11.21
C ASN A 14 -0.72 10.47 -10.44
N ALA A 15 -1.89 10.49 -11.05
CA ALA A 15 -3.08 10.07 -10.31
C ALA A 15 -3.05 8.54 -10.33
N GLU A 16 -2.57 7.95 -9.23
CA GLU A 16 -2.45 6.49 -9.11
C GLU A 16 -2.57 5.92 -7.70
N CYS A 17 -2.65 4.60 -7.60
CA CYS A 17 -2.78 3.88 -6.34
C CYS A 17 -1.47 3.14 -5.95
N THR A 18 -0.48 3.16 -6.83
CA THR A 18 0.82 2.50 -6.63
C THR A 18 0.73 0.95 -6.78
N GLY A 19 -0.43 0.51 -7.26
CA GLY A 19 -0.65 -0.89 -7.48
C GLY A 19 0.21 -1.37 -8.62
N CYS A 20 0.61 -0.47 -9.50
CA CYS A 20 1.46 -0.85 -10.65
C CYS A 20 2.97 -0.91 -10.30
N THR A 21 3.41 -0.12 -9.31
CA THR A 21 4.81 -0.17 -8.85
C THR A 21 4.89 -1.49 -8.09
N GLU A 22 3.82 -1.79 -7.36
CA GLU A 22 3.75 -3.02 -6.61
C GLU A 22 3.76 -4.21 -7.57
N ALA A 23 3.04 -4.11 -8.67
CA ALA A 23 3.03 -5.22 -9.61
C ALA A 23 4.42 -5.39 -10.25
N ALA A 24 5.09 -4.28 -10.59
CA ALA A 24 6.43 -4.35 -11.19
C ALA A 24 7.38 -5.18 -10.33
N ILE A 25 7.37 -4.93 -9.03
CA ILE A 25 8.23 -5.65 -8.12
C ILE A 25 7.80 -7.12 -7.86
N ARG A 26 6.62 -7.50 -8.37
CA ARG A 26 6.15 -8.89 -8.23
C ARG A 26 6.82 -9.75 -9.34
N THR A 27 7.55 -9.09 -10.23
CA THR A 27 8.22 -9.79 -11.32
C THR A 27 9.31 -10.72 -10.86
N ILE A 28 9.41 -11.81 -11.58
CA ILE A 28 10.51 -12.75 -11.40
C ILE A 28 10.79 -12.91 -12.89
N LYS A 29 12.01 -13.25 -13.24
CA LYS A 29 12.38 -13.45 -14.64
C LYS A 29 12.43 -12.11 -15.39
N PRO A 30 13.21 -11.14 -14.91
CA PRO A 30 14.11 -11.14 -13.75
C PRO A 30 13.48 -10.58 -12.49
N TYR A 31 14.13 -10.78 -11.35
CA TYR A 31 13.62 -10.21 -10.12
C TYR A 31 13.96 -8.71 -10.13
N ILE A 32 13.18 -7.93 -9.38
CA ILE A 32 13.40 -6.49 -9.39
C ILE A 32 14.85 -5.99 -9.23
N ASP A 33 15.54 -6.45 -8.19
CA ASP A 33 16.91 -6.01 -7.96
C ASP A 33 17.84 -6.27 -9.13
N ALA A 34 17.66 -7.43 -9.77
CA ALA A 34 18.48 -7.82 -10.93
C ALA A 34 18.29 -6.80 -12.03
N LEU A 35 17.04 -6.57 -12.39
CA LEU A 35 16.66 -5.63 -13.44
C LEU A 35 17.30 -4.27 -13.13
N ILE A 36 17.16 -3.84 -11.88
CA ILE A 36 17.67 -2.56 -11.41
C ILE A 36 19.21 -2.41 -11.32
N LEU A 37 19.92 -3.45 -10.87
CA LEU A 37 21.40 -3.44 -10.72
C LEU A 37 22.14 -3.84 -11.99
N ASP A 38 21.55 -4.77 -12.74
CA ASP A 38 22.17 -5.29 -13.95
C ASP A 38 21.67 -4.75 -15.28
N THR A 39 20.36 -4.54 -15.40
CA THR A 39 19.80 -4.14 -16.68
C THR A 39 19.50 -2.68 -16.93
N ILE A 40 18.63 -2.09 -16.15
CA ILE A 40 18.31 -0.71 -16.43
C ILE A 40 18.96 0.13 -15.36
N SER A 41 18.63 1.40 -15.37
CA SER A 41 19.16 2.28 -14.40
C SER A 41 17.96 3.13 -14.01
N LEU A 42 17.14 2.58 -13.12
CA LEU A 42 15.95 3.28 -12.62
C LEU A 42 16.46 4.54 -11.91
N ASP A 43 16.45 5.69 -12.59
CA ASP A 43 16.99 6.89 -11.95
C ASP A 43 16.01 7.76 -11.15
N TYR A 44 14.73 7.52 -11.36
CA TYR A 44 13.70 8.22 -10.62
C TYR A 44 12.56 7.22 -10.40
N GLN A 45 12.12 7.11 -9.15
CA GLN A 45 11.04 6.22 -8.72
C GLN A 45 10.83 6.61 -7.28
N GLU A 46 9.91 7.54 -7.07
CA GLU A 46 9.58 8.09 -5.75
C GLU A 46 9.24 7.08 -4.64
N THR A 47 8.67 5.95 -5.01
CA THR A 47 8.28 4.94 -4.04
C THR A 47 9.43 4.26 -3.34
N ILE A 48 10.55 4.14 -4.03
CA ILE A 48 11.72 3.49 -3.47
C ILE A 48 13.01 4.30 -3.46
N MET A 49 13.01 5.51 -4.03
CA MET A 49 14.24 6.33 -4.07
C MET A 49 14.62 6.89 -2.70
N ALA A 50 15.92 6.87 -2.39
CA ALA A 50 16.44 7.34 -1.09
C ALA A 50 16.34 8.84 -0.84
N ALA A 51 16.69 9.64 -1.84
CA ALA A 51 16.60 11.08 -1.68
C ALA A 51 15.11 11.46 -1.59
N ALA A 52 14.83 12.63 -1.00
CA ALA A 52 13.48 13.13 -0.84
C ALA A 52 13.54 14.62 -1.04
N GLY A 53 12.39 15.29 -1.08
CA GLY A 53 12.35 16.73 -1.24
C GLY A 53 13.12 17.23 -2.43
N GLU A 54 13.84 18.34 -2.30
CA GLU A 54 14.59 18.95 -3.41
C GLU A 54 15.61 18.03 -4.08
N THR A 55 16.19 17.19 -3.25
CA THR A 55 17.16 16.17 -3.61
C THR A 55 16.53 15.19 -4.62
N SER A 56 15.26 14.88 -4.44
CA SER A 56 14.54 13.98 -5.34
C SER A 56 14.31 14.63 -6.68
N GLU A 57 14.07 15.93 -6.64
CA GLU A 57 13.83 16.68 -7.88
C GLU A 57 15.12 16.97 -8.60
N ALA A 58 16.21 17.02 -7.85
CA ALA A 58 17.53 17.21 -8.43
C ALA A 58 17.83 15.94 -9.18
N ALA A 59 17.58 14.81 -8.52
CA ALA A 59 17.77 13.48 -9.11
C ALA A 59 16.99 13.40 -10.40
N LEU A 60 15.74 13.87 -10.37
CA LEU A 60 14.88 13.86 -11.55
C LEU A 60 15.51 14.69 -12.65
N HIS A 61 15.92 15.90 -12.29
CA HIS A 61 16.53 16.81 -13.25
C HIS A 61 17.71 16.15 -13.89
N GLU A 62 18.60 15.63 -13.07
CA GLU A 62 19.80 14.96 -13.53
C GLU A 62 19.43 13.90 -14.58
N ALA A 63 18.46 13.06 -14.27
CA ALA A 63 18.02 11.99 -15.17
C ALA A 63 17.62 12.49 -16.55
N LEU A 64 16.75 13.49 -16.56
CA LEU A 64 16.24 14.10 -17.80
C LEU A 64 17.30 14.90 -18.55
N GLU A 65 18.31 15.36 -17.85
CA GLU A 65 19.39 16.12 -18.47
C GLU A 65 20.50 15.14 -18.86
N GLY A 66 20.32 13.88 -18.51
CA GLY A 66 21.31 12.84 -18.79
C GLY A 66 21.98 12.92 -20.15
N LYS A 67 23.32 12.86 -20.14
CA LYS A 67 24.13 12.94 -21.35
C LYS A 67 23.63 12.07 -22.48
N ASP A 68 23.00 10.97 -22.10
CA ASP A 68 22.41 10.08 -23.09
C ASP A 68 21.03 9.71 -22.52
N GLY A 69 20.02 9.94 -23.36
CA GLY A 69 18.61 9.73 -23.05
C GLY A 69 18.05 8.91 -21.89
N TYR A 70 16.73 8.75 -21.91
CA TYR A 70 16.01 8.01 -20.90
C TYR A 70 14.69 7.50 -21.47
N TYR A 71 14.12 6.48 -20.85
CA TYR A 71 12.83 5.94 -21.23
C TYR A 71 11.86 6.38 -20.15
N LEU A 72 10.69 6.84 -20.54
CA LEU A 72 9.70 7.32 -19.58
C LEU A 72 8.62 6.31 -19.28
N VAL A 73 8.48 5.91 -18.01
CA VAL A 73 7.44 5.00 -17.55
C VAL A 73 6.47 5.90 -16.78
N VAL A 74 5.22 5.95 -17.20
CA VAL A 74 4.22 6.77 -16.56
C VAL A 74 3.18 5.87 -15.87
N GLU A 75 2.95 6.14 -14.60
CA GLU A 75 1.95 5.42 -13.82
C GLU A 75 0.91 6.44 -13.35
N GLY A 76 -0.36 6.07 -13.53
CA GLY A 76 -1.46 6.95 -13.15
C GLY A 76 -1.87 7.94 -14.23
N GLY A 77 -3.12 8.38 -14.17
CA GLY A 77 -3.64 9.34 -15.16
C GLY A 77 -3.28 10.76 -14.79
N LEU A 78 -3.62 11.75 -15.62
CA LEU A 78 -3.26 13.12 -15.31
C LEU A 78 -4.44 14.00 -14.86
N PRO A 79 -4.37 14.57 -13.63
CA PRO A 79 -5.40 15.43 -13.05
C PRO A 79 -5.37 16.72 -13.84
N THR A 80 -6.38 16.89 -14.69
CA THR A 80 -6.49 18.03 -15.59
C THR A 80 -7.23 19.26 -15.05
N ILE A 81 -8.23 19.05 -14.20
CA ILE A 81 -9.01 20.16 -13.66
C ILE A 81 -8.10 21.17 -12.93
N ASP A 82 -8.56 22.42 -12.90
CA ASP A 82 -7.88 23.56 -12.25
C ASP A 82 -6.39 23.62 -12.59
N GLY A 83 -6.11 23.68 -13.87
CA GLY A 83 -4.74 23.75 -14.34
C GLY A 83 -3.84 22.63 -13.91
N GLY A 84 -4.44 21.47 -13.63
CA GLY A 84 -3.69 20.30 -13.20
C GLY A 84 -3.14 20.44 -11.80
N GLN A 85 -3.76 21.30 -11.01
CA GLN A 85 -3.33 21.56 -9.65
C GLN A 85 -3.86 20.62 -8.60
N TRP A 86 -4.78 19.74 -8.99
CA TRP A 86 -5.32 18.77 -8.03
C TRP A 86 -4.38 17.58 -7.83
N GLY A 87 -3.29 17.60 -8.59
CA GLY A 87 -2.29 16.55 -8.50
C GLY A 87 -1.01 17.33 -8.64
N MET A 88 -0.21 17.36 -7.58
CA MET A 88 1.04 18.08 -7.63
C MET A 88 2.19 17.30 -7.01
N VAL A 89 3.40 17.59 -7.48
CA VAL A 89 4.64 16.95 -7.01
C VAL A 89 5.72 18.03 -7.08
N ALA A 90 6.42 18.23 -5.96
CA ALA A 90 7.46 19.24 -5.86
C ALA A 90 6.92 20.63 -6.15
N GLY A 91 5.63 20.80 -5.91
CA GLY A 91 5.02 22.09 -6.14
C GLY A 91 4.66 22.37 -7.57
N HIS A 92 4.66 21.32 -8.41
CA HIS A 92 4.35 21.43 -9.84
C HIS A 92 3.23 20.51 -10.18
N PRO A 93 2.43 20.86 -11.18
CA PRO A 93 1.32 20.00 -11.58
C PRO A 93 1.84 18.75 -12.29
N MET A 94 1.18 17.62 -12.10
CA MET A 94 1.61 16.39 -12.77
C MET A 94 1.64 16.49 -14.30
N ILE A 95 0.67 17.15 -14.92
CA ILE A 95 0.66 17.27 -16.40
C ILE A 95 1.93 17.95 -16.87
N GLU A 96 2.21 19.05 -16.25
CA GLU A 96 3.35 19.87 -16.56
C GLU A 96 4.63 19.04 -16.56
N THR A 97 4.74 18.18 -15.57
CA THR A 97 5.93 17.37 -15.47
C THR A 97 6.00 16.16 -16.42
N CYS A 98 4.87 15.59 -16.82
CA CYS A 98 4.93 14.48 -17.77
C CYS A 98 5.26 15.12 -19.10
N LYS A 99 4.67 16.30 -19.34
CA LYS A 99 4.90 17.07 -20.55
C LYS A 99 6.41 17.17 -20.71
N LYS A 100 7.09 17.64 -19.67
CA LYS A 100 8.54 17.80 -19.65
C LYS A 100 9.26 16.48 -19.95
N ALA A 101 9.02 15.48 -19.13
CA ALA A 101 9.69 14.19 -19.29
C ALA A 101 9.45 13.46 -20.61
N ALA A 102 8.24 13.57 -21.13
CA ALA A 102 7.91 12.91 -22.37
C ALA A 102 8.63 13.55 -23.54
N ALA A 103 8.83 14.85 -23.43
CA ALA A 103 9.49 15.67 -24.45
C ALA A 103 10.74 15.05 -25.06
N LYS A 104 11.74 14.72 -24.26
CA LYS A 104 12.98 14.14 -24.80
C LYS A 104 13.12 12.63 -24.55
N ALA A 105 12.06 12.02 -24.04
CA ALA A 105 12.05 10.59 -23.72
C ALA A 105 12.30 9.70 -24.92
N LYS A 106 13.28 8.82 -24.83
CA LYS A 106 13.54 7.90 -25.93
C LYS A 106 12.28 7.11 -26.15
N GLY A 107 11.57 6.80 -25.08
CA GLY A 107 10.35 6.07 -25.27
C GLY A 107 9.40 6.33 -24.13
N ILE A 108 8.12 6.04 -24.34
CA ILE A 108 7.14 6.22 -23.30
C ILE A 108 6.34 4.94 -23.11
N ILE A 109 6.41 4.39 -21.90
CA ILE A 109 5.65 3.18 -21.53
C ILE A 109 4.65 3.55 -20.43
N CYS A 110 3.37 3.37 -20.70
CA CYS A 110 2.32 3.63 -19.73
C CYS A 110 1.99 2.34 -18.97
N ILE A 111 2.36 2.27 -17.71
CA ILE A 111 2.07 1.07 -16.93
C ILE A 111 0.74 1.24 -16.22
N GLY A 112 -0.18 0.29 -16.43
CA GLY A 112 -1.50 0.34 -15.80
C GLY A 112 -2.60 0.96 -16.65
N THR A 113 -3.83 0.54 -16.42
CA THR A 113 -4.98 1.07 -17.19
C THR A 113 -5.17 2.57 -16.97
N CYS A 114 -4.74 3.08 -15.82
CA CYS A 114 -4.86 4.51 -15.50
C CYS A 114 -4.07 5.44 -16.43
N SER A 115 -2.76 5.20 -16.55
CA SER A 115 -1.89 6.02 -17.39
C SER A 115 -2.29 5.86 -18.85
N PRO A 116 -2.47 4.62 -19.24
CA PRO A 116 -2.83 4.28 -20.61
C PRO A 116 -4.11 4.96 -21.07
N TYR A 117 -5.16 4.75 -20.29
CA TYR A 117 -6.48 5.24 -20.65
C TYR A 117 -7.21 6.15 -19.65
N GLY A 118 -6.53 6.79 -18.71
CA GLY A 118 -7.22 7.66 -17.76
C GLY A 118 -7.53 7.05 -16.40
N GLY A 119 -7.90 5.78 -16.39
CA GLY A 119 -8.15 5.08 -15.16
C GLY A 119 -9.44 5.22 -14.39
N VAL A 120 -9.33 4.92 -13.10
CA VAL A 120 -10.45 4.96 -12.16
C VAL A 120 -10.86 6.38 -11.84
N GLN A 121 -9.89 7.28 -11.74
CA GLN A 121 -10.15 8.71 -11.47
C GLN A 121 -10.92 9.37 -12.62
N LYS A 122 -10.83 8.76 -13.81
CA LYS A 122 -11.51 9.22 -15.00
C LYS A 122 -12.93 8.63 -15.02
N ALA A 123 -13.22 7.69 -14.13
CA ALA A 123 -14.55 7.08 -14.09
C ALA A 123 -15.57 8.17 -13.75
N LYS A 124 -16.80 8.04 -14.25
CA LYS A 124 -17.84 9.06 -14.02
C LYS A 124 -18.08 9.25 -12.55
N PRO A 125 -18.29 10.50 -12.13
CA PRO A 125 -18.31 11.71 -12.96
C PRO A 125 -16.99 12.41 -13.27
N ASN A 126 -15.86 11.76 -12.94
CA ASN A 126 -14.51 12.27 -13.20
C ASN A 126 -14.27 13.67 -12.63
N PRO A 127 -14.38 13.83 -11.29
CA PRO A 127 -14.19 15.12 -10.65
C PRO A 127 -12.88 15.87 -10.91
N SER A 128 -11.77 15.15 -11.09
CA SER A 128 -10.48 15.79 -11.35
C SER A 128 -10.22 16.02 -12.85
N GLN A 129 -11.15 15.58 -13.67
CA GLN A 129 -11.02 15.66 -15.13
C GLN A 129 -9.68 15.04 -15.53
N ALA A 130 -9.47 13.81 -15.08
CA ALA A 130 -8.25 13.10 -15.39
C ALA A 130 -8.35 12.53 -16.80
N LYS A 131 -7.19 12.25 -17.40
CA LYS A 131 -7.16 11.67 -18.74
C LYS A 131 -5.89 10.83 -18.91
N GLY A 132 -5.85 10.02 -19.96
CA GLY A 132 -4.68 9.19 -20.18
C GLY A 132 -3.46 10.01 -20.56
N VAL A 133 -2.26 9.44 -20.41
CA VAL A 133 -1.04 10.15 -20.75
C VAL A 133 -1.16 10.47 -22.22
N SER A 134 -1.62 9.51 -23.01
CA SER A 134 -1.79 9.74 -24.43
C SER A 134 -2.75 10.87 -24.76
N GLU A 135 -3.97 10.83 -24.21
CA GLU A 135 -4.99 11.87 -24.46
C GLU A 135 -4.47 13.24 -24.03
N ALA A 136 -3.79 13.26 -22.89
CA ALA A 136 -3.20 14.47 -22.31
C ALA A 136 -2.02 15.04 -23.14
N LEU A 137 -1.02 14.21 -23.42
CA LEU A 137 0.12 14.69 -24.18
C LEU A 137 -0.17 14.80 -25.69
N GLY A 138 -0.90 13.84 -26.22
CA GLY A 138 -1.19 13.84 -27.65
C GLY A 138 -0.10 13.11 -28.37
N VAL A 139 0.43 12.07 -27.73
CA VAL A 139 1.48 11.24 -28.31
C VAL A 139 1.13 9.76 -28.17
N LYS A 140 1.66 8.96 -29.08
CA LYS A 140 1.43 7.52 -29.05
C LYS A 140 2.28 7.00 -27.91
N THR A 141 1.69 6.14 -27.09
CA THR A 141 2.40 5.56 -25.96
C THR A 141 2.17 4.06 -26.06
N ILE A 142 3.08 3.28 -25.48
CA ILE A 142 3.01 1.81 -25.45
C ILE A 142 2.23 1.40 -24.19
N ASN A 143 0.97 1.05 -24.35
CA ASN A 143 0.11 0.70 -23.23
C ASN A 143 0.18 -0.73 -22.74
N ILE A 144 0.38 -0.82 -21.44
CA ILE A 144 0.48 -2.07 -20.70
C ILE A 144 -0.67 -1.95 -19.69
N PRO A 145 -1.93 -1.99 -20.17
CA PRO A 145 -3.05 -1.86 -19.26
C PRO A 145 -3.24 -3.01 -18.28
N GLY A 146 -4.16 -2.81 -17.35
CA GLY A 146 -4.43 -3.77 -16.32
C GLY A 146 -4.54 -2.98 -15.03
N CYS A 147 -5.23 -3.54 -14.05
CA CYS A 147 -5.40 -2.85 -12.78
C CYS A 147 -4.99 -3.71 -11.56
N PRO A 148 -3.68 -4.01 -11.44
CA PRO A 148 -2.57 -3.62 -12.31
C PRO A 148 -2.17 -4.66 -13.37
N PRO A 149 -1.24 -4.29 -14.27
CA PRO A 149 -0.80 -5.22 -15.31
C PRO A 149 0.09 -6.35 -14.75
N ASN A 150 0.23 -7.43 -15.48
CA ASN A 150 1.06 -8.55 -15.01
C ASN A 150 2.52 -8.09 -15.17
N PRO A 151 3.35 -8.24 -14.12
CA PRO A 151 4.76 -7.83 -14.25
C PRO A 151 5.37 -8.46 -15.48
N ILE A 152 5.02 -9.71 -15.71
CA ILE A 152 5.49 -10.45 -16.89
C ILE A 152 5.35 -9.59 -18.16
N ASN A 153 4.24 -8.84 -18.24
CA ASN A 153 3.93 -7.97 -19.38
C ASN A 153 4.71 -6.67 -19.35
N PHE A 154 4.84 -6.08 -18.16
CA PHE A 154 5.56 -4.82 -18.00
C PHE A 154 7.04 -4.98 -18.25
N VAL A 155 7.68 -5.80 -17.41
CA VAL A 155 9.11 -6.06 -17.52
C VAL A 155 9.36 -6.51 -18.95
N GLY A 156 8.46 -7.36 -19.46
CA GLY A 156 8.56 -7.82 -20.81
C GLY A 156 8.66 -6.67 -21.78
N ALA A 157 7.69 -5.77 -21.74
CA ALA A 157 7.69 -4.62 -22.65
C ALA A 157 8.89 -3.72 -22.45
N VAL A 158 9.28 -3.48 -21.20
CA VAL A 158 10.43 -2.63 -20.90
C VAL A 158 11.65 -3.21 -21.62
N VAL A 159 12.01 -4.43 -21.25
CA VAL A 159 13.15 -5.09 -21.84
C VAL A 159 13.07 -5.06 -23.36
N HIS A 160 11.99 -5.59 -23.91
CA HIS A 160 11.84 -5.61 -25.36
C HIS A 160 12.03 -4.22 -25.96
N VAL A 161 11.58 -3.18 -25.29
CA VAL A 161 11.72 -1.84 -25.83
C VAL A 161 13.17 -1.37 -25.79
N LEU A 162 13.93 -1.91 -24.86
CA LEU A 162 15.33 -1.57 -24.71
C LEU A 162 16.18 -2.41 -25.64
N THR A 163 15.69 -3.62 -25.91
CA THR A 163 16.36 -4.61 -26.76
C THR A 163 15.35 -5.17 -27.77
N LYS A 164 15.57 -4.87 -29.05
CA LYS A 164 14.73 -5.25 -30.20
C LYS A 164 13.95 -4.01 -30.64
N GLY A 165 13.61 -3.15 -29.69
CA GLY A 165 12.87 -1.94 -30.03
C GLY A 165 11.38 -2.03 -29.73
N ILE A 166 10.61 -1.08 -30.25
CA ILE A 166 9.16 -0.99 -30.04
C ILE A 166 8.43 -2.24 -30.52
N PRO A 167 7.67 -2.91 -29.63
CA PRO A 167 6.94 -4.13 -30.03
C PRO A 167 5.66 -3.85 -30.86
N ASP A 168 5.13 -4.90 -31.48
CA ASP A 168 3.90 -4.86 -32.30
C ASP A 168 2.72 -4.46 -31.41
N LEU A 169 2.11 -3.32 -31.69
CA LEU A 169 0.99 -2.83 -30.88
C LEU A 169 -0.37 -3.03 -31.54
N ASP A 170 -1.41 -3.26 -30.74
CA ASP A 170 -2.76 -3.39 -31.29
C ASP A 170 -3.40 -1.99 -31.42
N GLU A 171 -4.71 -1.92 -31.70
CA GLU A 171 -5.39 -0.63 -31.91
C GLU A 171 -5.40 0.34 -30.73
N ASN A 172 -5.30 -0.21 -29.52
CA ASN A 172 -5.27 0.58 -28.32
C ASN A 172 -3.85 0.67 -27.73
N GLY A 173 -2.83 0.50 -28.57
CA GLY A 173 -1.44 0.59 -28.11
C GLY A 173 -0.86 -0.50 -27.22
N ARG A 174 -1.54 -1.62 -27.05
CA ARG A 174 -1.08 -2.70 -26.19
C ARG A 174 -0.21 -3.66 -26.95
N PRO A 175 0.96 -4.05 -26.40
CA PRO A 175 1.80 -4.98 -27.14
C PRO A 175 0.99 -6.22 -27.41
N LYS A 176 0.82 -6.55 -28.69
CA LYS A 176 0.06 -7.72 -29.14
C LYS A 176 0.54 -9.02 -28.50
N LEU A 177 1.82 -9.08 -28.17
CA LEU A 177 2.43 -10.25 -27.55
C LEU A 177 1.62 -10.73 -26.34
N PHE A 178 1.14 -9.78 -25.55
CA PHE A 178 0.40 -10.07 -24.33
C PHE A 178 -1.11 -9.81 -24.43
N TYR A 179 -1.47 -8.71 -25.09
CA TYR A 179 -2.86 -8.32 -25.23
C TYR A 179 -3.46 -8.73 -26.54
N GLY A 180 -3.00 -9.90 -27.02
CA GLY A 180 -3.45 -10.45 -28.29
C GLY A 180 -4.60 -11.44 -28.27
N GLU A 181 -4.76 -12.15 -27.16
CA GLU A 181 -5.82 -13.13 -27.08
C GLU A 181 -6.80 -12.82 -25.98
N LEU A 182 -8.08 -13.09 -26.24
CA LEU A 182 -9.12 -12.84 -25.25
C LEU A 182 -8.91 -13.76 -24.07
N VAL A 183 -9.15 -13.23 -22.88
CA VAL A 183 -9.02 -13.97 -21.62
C VAL A 183 -9.88 -15.25 -21.71
N HIS A 184 -11.11 -15.06 -22.16
CA HIS A 184 -12.11 -16.12 -22.33
C HIS A 184 -11.66 -17.26 -23.24
N ASP A 185 -10.87 -16.91 -24.24
CA ASP A 185 -10.36 -17.89 -25.19
C ASP A 185 -9.38 -18.88 -24.57
N ASN A 186 -8.70 -18.46 -23.50
CA ASN A 186 -7.73 -19.31 -22.82
C ASN A 186 -8.27 -19.76 -21.48
N CYS A 187 -9.47 -19.28 -21.14
CA CYS A 187 -10.09 -19.63 -19.88
C CYS A 187 -10.43 -21.10 -19.82
N PRO A 188 -9.90 -21.77 -18.81
CA PRO A 188 -10.13 -23.19 -18.60
C PRO A 188 -11.59 -23.55 -18.27
N ARG A 189 -12.49 -22.56 -18.35
CA ARG A 189 -13.90 -22.76 -18.06
C ARG A 189 -14.74 -22.67 -19.32
N LEU A 190 -14.05 -22.47 -20.44
CA LEU A 190 -14.65 -22.35 -21.74
C LEU A 190 -15.62 -23.48 -22.05
N PRO A 191 -15.27 -24.74 -21.71
CA PRO A 191 -16.20 -25.84 -21.99
C PRO A 191 -17.55 -25.68 -21.34
N HIS A 192 -17.60 -25.02 -20.18
CA HIS A 192 -18.87 -24.81 -19.48
C HIS A 192 -19.63 -23.74 -20.22
N PHE A 193 -18.90 -22.74 -20.68
CA PHE A 193 -19.50 -21.62 -21.39
C PHE A 193 -20.15 -22.09 -22.68
N GLU A 194 -19.50 -23.05 -23.32
CA GLU A 194 -19.99 -23.60 -24.57
C GLU A 194 -21.17 -24.53 -24.30
N ALA A 195 -21.04 -25.32 -23.23
CA ALA A 195 -22.05 -26.29 -22.84
C ALA A 195 -23.26 -25.64 -22.20
N SER A 196 -23.25 -24.30 -22.09
CA SER A 196 -24.33 -23.51 -21.48
C SER A 196 -24.51 -23.86 -19.99
N GLU A 197 -23.39 -24.17 -19.34
CA GLU A 197 -23.37 -24.55 -17.93
C GLU A 197 -22.87 -23.36 -17.15
N PHE A 198 -23.82 -22.59 -16.63
CA PHE A 198 -23.51 -21.40 -15.88
C PHE A 198 -23.80 -21.44 -14.38
N ALA A 199 -22.99 -20.69 -13.65
CA ALA A 199 -23.12 -20.58 -12.21
C ALA A 199 -24.05 -19.40 -12.07
N PRO A 200 -25.16 -19.60 -11.35
CA PRO A 200 -26.21 -18.62 -11.07
C PRO A 200 -25.95 -17.76 -9.83
N SER A 201 -25.07 -18.23 -8.95
CA SER A 201 -24.76 -17.52 -7.75
C SER A 201 -23.46 -18.08 -7.25
N PHE A 202 -22.80 -17.36 -6.36
CA PHE A 202 -21.52 -17.80 -5.83
C PHE A 202 -21.74 -18.85 -4.73
N ASP A 203 -23.00 -19.00 -4.32
CA ASP A 203 -23.37 -19.94 -3.27
C ASP A 203 -23.94 -21.24 -3.84
N SER A 204 -24.27 -21.22 -5.14
CA SER A 204 -24.87 -22.35 -5.82
C SER A 204 -23.90 -23.47 -6.05
N GLU A 205 -24.42 -24.67 -6.29
CA GLU A 205 -23.58 -25.83 -6.55
C GLU A 205 -22.77 -25.67 -7.82
N GLU A 206 -23.35 -25.02 -8.82
CA GLU A 206 -22.67 -24.77 -10.09
C GLU A 206 -21.40 -23.99 -9.85
N ALA A 207 -21.47 -22.99 -8.98
CA ALA A 207 -20.29 -22.18 -8.67
C ALA A 207 -19.23 -23.02 -7.94
N LYS A 208 -19.69 -23.92 -7.04
CA LYS A 208 -18.79 -24.83 -6.33
C LYS A 208 -18.14 -25.85 -7.31
N LYS A 209 -18.87 -26.16 -8.37
CA LYS A 209 -18.45 -27.10 -9.42
C LYS A 209 -17.54 -26.48 -10.47
N GLY A 210 -17.40 -25.16 -10.43
CA GLY A 210 -16.56 -24.49 -11.41
C GLY A 210 -17.25 -24.10 -12.70
N PHE A 211 -18.56 -23.94 -12.66
CA PHE A 211 -19.31 -23.56 -13.86
C PHE A 211 -18.91 -22.18 -14.32
N CYS A 212 -19.19 -21.88 -15.58
CA CYS A 212 -18.82 -20.59 -16.16
C CYS A 212 -19.42 -19.46 -15.34
N LEU A 213 -18.73 -18.32 -15.33
CA LEU A 213 -19.16 -17.14 -14.57
C LEU A 213 -19.71 -16.02 -15.47
N TYR A 214 -20.21 -16.39 -16.64
CA TYR A 214 -20.77 -15.41 -17.58
C TYR A 214 -22.04 -14.80 -17.01
N GLU A 215 -22.86 -15.64 -16.40
CA GLU A 215 -24.09 -15.18 -15.79
C GLU A 215 -23.78 -14.22 -14.62
N LEU A 216 -22.65 -14.45 -13.94
CA LEU A 216 -22.23 -13.61 -12.83
C LEU A 216 -21.48 -12.37 -13.33
N GLY A 217 -21.53 -12.13 -14.65
CA GLY A 217 -20.89 -10.96 -15.21
C GLY A 217 -19.43 -10.98 -15.66
N CYS A 218 -18.92 -12.17 -15.99
CA CYS A 218 -17.53 -12.33 -16.43
C CYS A 218 -17.32 -11.61 -17.77
N LYS A 219 -16.35 -10.69 -17.79
CA LYS A 219 -16.04 -9.95 -19.00
C LYS A 219 -14.87 -10.54 -19.75
N GLY A 220 -14.41 -11.72 -19.32
CA GLY A 220 -13.32 -12.40 -19.98
C GLY A 220 -13.61 -12.53 -21.48
N PRO A 221 -14.89 -12.68 -21.83
CA PRO A 221 -15.32 -12.80 -23.22
C PRO A 221 -15.04 -11.58 -24.09
N VAL A 222 -14.82 -10.42 -23.47
CA VAL A 222 -14.56 -9.18 -24.19
C VAL A 222 -13.28 -8.51 -23.69
N THR A 223 -12.47 -9.27 -22.96
CA THR A 223 -11.24 -8.74 -22.40
C THR A 223 -10.01 -9.35 -23.05
N TYR A 224 -9.03 -8.50 -23.32
CA TYR A 224 -7.78 -8.92 -23.93
C TYR A 224 -6.66 -8.92 -22.90
N ASN A 225 -6.13 -10.09 -22.59
CA ASN A 225 -5.08 -10.20 -21.60
C ASN A 225 -4.62 -11.67 -21.52
N ASN A 226 -3.44 -11.89 -20.96
CA ASN A 226 -2.83 -13.22 -20.81
C ASN A 226 -2.91 -13.81 -19.41
N CYS A 227 -3.91 -13.41 -18.64
CA CYS A 227 -4.07 -13.88 -17.26
C CYS A 227 -4.25 -15.39 -17.05
N PRO A 228 -5.11 -16.04 -17.86
CA PRO A 228 -5.27 -17.49 -17.64
C PRO A 228 -4.06 -18.31 -18.02
N LYS A 229 -3.37 -17.87 -19.06
CA LYS A 229 -2.19 -18.53 -19.59
C LYS A 229 -0.96 -18.30 -18.70
N VAL A 230 -0.75 -17.04 -18.33
CA VAL A 230 0.38 -16.62 -17.54
C VAL A 230 0.21 -16.72 -16.01
N LEU A 231 -0.99 -16.42 -15.53
CA LEU A 231 -1.31 -16.42 -14.10
C LEU A 231 -0.63 -15.27 -13.35
N PHE A 232 -1.01 -15.10 -12.09
CA PHE A 232 -0.46 -14.05 -11.25
C PHE A 232 0.28 -14.68 -10.11
N ASN A 233 1.47 -14.17 -9.85
CA ASN A 233 2.31 -14.67 -8.76
C ASN A 233 2.66 -16.14 -8.95
N GLN A 234 2.54 -16.64 -10.18
CA GLN A 234 2.81 -18.06 -10.50
C GLN A 234 1.85 -18.94 -9.71
N VAL A 235 0.66 -18.43 -9.43
CA VAL A 235 -0.22 -19.20 -8.59
C VAL A 235 -1.71 -19.12 -8.88
N ASN A 236 -2.24 -18.00 -9.38
CA ASN A 236 -3.68 -17.91 -9.56
C ASN A 236 -4.14 -16.78 -10.52
N TRP A 237 -5.47 -16.60 -10.63
CA TRP A 237 -6.06 -15.53 -11.42
C TRP A 237 -7.56 -15.52 -11.04
N PRO A 238 -8.20 -14.34 -11.08
CA PRO A 238 -9.62 -14.17 -10.74
C PRO A 238 -10.61 -15.33 -10.99
N VAL A 239 -10.76 -15.74 -12.24
CA VAL A 239 -11.69 -16.83 -12.58
C VAL A 239 -11.38 -18.14 -11.85
N GLN A 240 -10.11 -18.43 -11.63
CA GLN A 240 -9.71 -19.64 -10.90
C GLN A 240 -10.03 -19.45 -9.41
N ALA A 241 -10.17 -18.20 -8.99
CA ALA A 241 -10.55 -17.91 -7.62
C ALA A 241 -12.11 -17.78 -7.58
N GLY A 242 -12.76 -18.37 -8.59
CA GLY A 242 -14.21 -18.39 -8.70
C GLY A 242 -14.90 -17.05 -8.86
N HIS A 243 -14.13 -16.03 -9.20
CA HIS A 243 -14.71 -14.69 -9.33
C HIS A 243 -14.56 -14.22 -10.75
N PRO A 244 -15.63 -13.61 -11.31
CA PRO A 244 -15.54 -13.13 -12.70
C PRO A 244 -14.48 -12.05 -12.98
N CYS A 245 -14.09 -11.96 -14.24
CA CYS A 245 -13.11 -10.99 -14.73
C CYS A 245 -13.87 -9.68 -14.84
N LEU A 246 -13.23 -8.61 -14.43
CA LEU A 246 -13.82 -7.28 -14.42
C LEU A 246 -13.54 -6.53 -15.71
N GLY A 247 -12.73 -7.14 -16.57
CA GLY A 247 -12.34 -6.53 -17.83
C GLY A 247 -11.40 -5.35 -17.63
N CYS A 248 -10.60 -5.43 -16.57
CA CYS A 248 -9.67 -4.38 -16.20
C CYS A 248 -8.55 -4.00 -17.16
N SER A 249 -8.29 -4.80 -18.19
CA SER A 249 -7.22 -4.42 -19.14
C SER A 249 -7.82 -3.67 -20.32
N GLU A 250 -9.11 -3.32 -20.20
CA GLU A 250 -9.85 -2.61 -21.25
C GLU A 250 -10.04 -1.13 -20.99
N PRO A 251 -9.93 -0.33 -22.04
CA PRO A 251 -10.09 1.11 -21.87
C PRO A 251 -11.44 1.52 -21.25
N ASP A 252 -11.35 2.45 -20.30
CA ASP A 252 -12.51 2.98 -19.59
C ASP A 252 -13.33 1.86 -18.94
N PHE A 253 -12.71 0.72 -18.64
CA PHE A 253 -13.48 -0.37 -18.08
C PHE A 253 -14.39 -0.02 -16.90
N TRP A 254 -14.01 0.99 -16.13
CA TRP A 254 -14.80 1.38 -14.96
C TRP A 254 -16.24 1.74 -15.30
N ASP A 255 -16.46 2.23 -16.51
CA ASP A 255 -17.79 2.64 -17.00
C ASP A 255 -18.30 1.76 -18.13
N THR A 256 -17.42 1.01 -18.73
CA THR A 256 -17.76 0.13 -19.84
C THR A 256 -18.08 -1.28 -19.39
N MET A 257 -17.62 -1.67 -18.20
CA MET A 257 -17.85 -3.00 -17.65
C MET A 257 -18.66 -2.94 -16.34
N THR A 258 -18.96 -1.69 -15.94
CA THR A 258 -19.67 -1.25 -14.74
C THR A 258 -20.42 -2.20 -13.86
N PRO A 259 -21.60 -2.69 -14.31
CA PRO A 259 -22.24 -3.62 -13.38
C PRO A 259 -21.40 -4.87 -13.52
N PHE A 260 -20.34 -4.95 -12.72
CA PHE A 260 -19.43 -6.05 -12.78
C PHE A 260 -20.07 -7.42 -12.69
N TYR A 261 -21.25 -7.50 -12.05
CA TYR A 261 -21.92 -8.79 -11.88
C TYR A 261 -23.11 -8.96 -12.76
N GLU A 262 -23.08 -8.32 -13.91
CA GLU A 262 -24.19 -8.42 -14.84
C GLU A 262 -23.61 -8.32 -16.21
N GLN A 263 -24.35 -8.81 -17.19
CA GLN A 263 -23.90 -8.80 -18.57
C GLN A 263 -24.41 -7.65 -19.44
N GLY A 264 -24.81 -6.54 -18.80
CA GLY A 264 -25.30 -5.41 -19.56
C GLY A 264 -26.03 -4.42 -18.67
N THR B 7 20.53 13.25 19.36
CA THR B 7 21.78 14.00 19.69
C THR B 7 22.22 15.02 18.63
N PRO B 8 22.56 14.58 17.39
CA PRO B 8 22.98 15.56 16.37
C PRO B 8 21.85 16.58 16.09
N GLN B 9 22.18 17.86 16.08
CA GLN B 9 21.17 18.87 15.89
C GLN B 9 21.79 20.20 15.48
N SER B 10 21.26 20.79 14.41
CA SER B 10 21.77 22.07 13.93
C SER B 10 21.20 23.22 14.76
N THR B 11 21.55 24.44 14.33
CA THR B 11 21.08 25.67 14.97
C THR B 11 20.07 26.29 14.04
N PHE B 12 19.80 25.58 12.94
CA PHE B 12 18.90 26.04 11.92
C PHE B 12 17.57 26.59 12.38
N THR B 13 17.30 27.82 11.97
CA THR B 13 16.05 28.47 12.25
C THR B 13 15.55 28.91 10.86
N GLY B 14 14.31 28.51 10.57
CA GLY B 14 13.69 28.78 9.29
C GLY B 14 12.84 27.59 8.90
N PRO B 15 12.11 27.69 7.77
CA PRO B 15 11.26 26.59 7.31
C PRO B 15 11.94 25.63 6.37
N ILE B 16 11.56 24.37 6.46
CA ILE B 16 12.10 23.36 5.58
C ILE B 16 10.84 22.67 5.11
N VAL B 17 10.83 22.29 3.84
CA VAL B 17 9.71 21.56 3.26
C VAL B 17 10.29 20.42 2.45
N VAL B 18 9.70 19.24 2.60
CA VAL B 18 10.14 18.07 1.86
C VAL B 18 9.00 17.71 0.94
N ASP B 19 9.21 17.94 -0.34
CA ASP B 19 8.21 17.65 -1.36
C ASP B 19 8.98 17.30 -2.62
N PRO B 20 8.85 16.04 -3.10
CA PRO B 20 8.03 14.97 -2.53
C PRO B 20 8.60 14.19 -1.33
N ILE B 21 7.73 13.58 -0.53
CA ILE B 21 8.16 12.73 0.58
C ILE B 21 8.21 11.41 -0.18
N THR B 22 9.40 10.84 -0.34
CA THR B 22 9.55 9.60 -1.07
C THR B 22 9.56 8.40 -0.13
N ARG B 23 9.47 7.21 -0.70
CA ARG B 23 9.43 5.98 0.06
C ARG B 23 8.23 5.93 1.01
N ILE B 24 7.12 6.42 0.49
CA ILE B 24 5.79 6.40 1.14
C ILE B 24 4.88 6.19 -0.08
N GLU B 25 3.60 5.97 0.14
CA GLU B 25 2.72 5.81 -0.99
C GLU B 25 2.00 7.12 -1.10
N GLY B 26 1.83 7.55 -2.35
CA GLY B 26 1.12 8.78 -2.63
C GLY B 26 1.95 10.04 -2.60
N HIS B 27 1.28 11.16 -2.80
CA HIS B 27 1.92 12.45 -2.83
C HIS B 27 1.74 13.31 -1.58
N LEU B 28 2.83 13.47 -0.83
CA LEU B 28 2.84 14.26 0.40
C LEU B 28 3.92 15.34 0.45
N ARG B 29 3.50 16.55 0.80
CA ARG B 29 4.39 17.69 1.00
C ARG B 29 4.37 17.96 2.53
N ILE B 30 5.54 18.02 3.16
CA ILE B 30 5.61 18.30 4.60
C ILE B 30 6.31 19.63 4.73
N MET B 31 5.73 20.51 5.52
CA MET B 31 6.27 21.82 5.74
C MET B 31 6.35 22.05 7.25
N VAL B 32 7.57 22.27 7.74
CA VAL B 32 7.82 22.52 9.16
C VAL B 32 8.57 23.84 9.33
N GLU B 33 8.51 24.39 10.55
CA GLU B 33 9.21 25.62 10.88
C GLU B 33 10.20 25.12 11.93
N VAL B 34 11.49 25.39 11.73
CA VAL B 34 12.52 24.93 12.67
C VAL B 34 13.15 26.09 13.48
N GLU B 35 13.24 25.91 14.81
CA GLU B 35 13.85 26.91 15.69
C GLU B 35 15.09 26.18 16.23
N ASN B 36 16.27 26.77 16.08
CA ASN B 36 17.53 26.14 16.54
C ASN B 36 17.71 24.64 16.33
N GLY B 37 17.36 24.14 15.15
CA GLY B 37 17.53 22.74 14.88
C GLY B 37 16.45 21.81 15.38
N LYS B 38 15.37 22.34 15.94
CA LYS B 38 14.27 21.49 16.41
C LYS B 38 12.99 21.99 15.76
N VAL B 39 12.13 21.07 15.30
CA VAL B 39 10.88 21.48 14.64
C VAL B 39 9.93 22.09 15.67
N LYS B 40 9.39 23.27 15.37
CA LYS B 40 8.47 23.94 16.29
C LYS B 40 7.00 23.87 15.82
N ASP B 41 6.78 23.63 14.54
CA ASP B 41 5.43 23.54 14.02
C ASP B 41 5.49 22.72 12.74
N ALA B 42 4.40 22.06 12.37
CA ALA B 42 4.40 21.22 11.17
C ALA B 42 3.08 21.25 10.44
N TRP B 43 3.11 20.92 9.15
CA TRP B 43 1.93 20.88 8.30
C TRP B 43 2.02 19.66 7.44
N SER B 44 0.95 18.87 7.40
CA SER B 44 0.91 17.66 6.58
C SER B 44 0.01 17.98 5.37
N SER B 45 0.64 18.23 4.20
CA SER B 45 -0.06 18.58 2.94
C SER B 45 -0.17 17.41 1.91
N SER B 46 -1.36 16.82 1.80
CA SER B 46 -1.59 15.73 0.83
C SER B 46 -1.84 16.41 -0.53
N GLN B 47 -1.06 16.00 -1.54
CA GLN B 47 -1.09 16.60 -2.90
C GLN B 47 -1.94 16.08 -4.07
N LEU B 48 -2.65 14.97 -3.92
CA LEU B 48 -3.48 14.51 -5.04
C LEU B 48 -4.90 14.15 -4.63
N PHE B 49 -5.88 14.56 -5.42
CA PHE B 49 -7.27 14.19 -5.18
C PHE B 49 -7.77 13.35 -6.37
N ARG B 50 -8.46 12.23 -6.08
CA ARG B 50 -8.99 11.37 -7.15
C ARG B 50 -10.50 11.41 -7.25
N GLY B 51 -11.21 11.24 -6.14
CA GLY B 51 -12.66 11.28 -6.23
C GLY B 51 -13.27 10.13 -5.50
N LEU B 52 -13.15 8.93 -6.05
CA LEU B 52 -13.68 7.71 -5.45
C LEU B 52 -15.07 7.80 -4.83
N GLU B 53 -15.17 8.44 -3.65
CA GLU B 53 -16.45 8.60 -2.93
C GLU B 53 -17.53 9.22 -3.84
N ILE B 54 -17.12 10.23 -4.61
CA ILE B 54 -17.98 10.92 -5.59
C ILE B 54 -18.29 9.96 -6.75
N ILE B 55 -17.24 9.36 -7.31
CA ILE B 55 -17.35 8.41 -8.42
C ILE B 55 -18.30 7.24 -8.12
N LEU B 56 -18.42 6.89 -6.85
CA LEU B 56 -19.26 5.77 -6.41
C LEU B 56 -20.74 6.10 -6.26
N LYS B 57 -21.06 7.38 -6.13
CA LYS B 57 -22.46 7.77 -5.95
C LYS B 57 -23.36 7.36 -7.11
N GLY B 58 -24.45 6.68 -6.76
CA GLY B 58 -25.44 6.20 -7.71
C GLY B 58 -25.16 4.84 -8.29
N ARG B 59 -24.01 4.27 -7.96
CA ARG B 59 -23.65 2.97 -8.48
C ARG B 59 -24.19 1.79 -7.68
N ASP B 60 -24.09 0.62 -8.28
CA ASP B 60 -24.56 -0.63 -7.71
C ASP B 60 -23.72 -1.01 -6.49
N PRO B 61 -24.37 -1.21 -5.34
CA PRO B 61 -23.64 -1.59 -4.14
C PRO B 61 -22.61 -2.74 -4.35
N ARG B 62 -22.97 -3.76 -5.14
CA ARG B 62 -22.05 -4.88 -5.40
C ARG B 62 -20.73 -4.48 -6.07
N ASP B 63 -20.72 -3.38 -6.81
CA ASP B 63 -19.54 -2.85 -7.51
C ASP B 63 -18.59 -2.06 -6.61
N ALA B 64 -19.06 -1.56 -5.46
CA ALA B 64 -18.21 -0.72 -4.59
C ALA B 64 -16.84 -1.26 -4.21
N GLN B 65 -16.77 -2.51 -3.76
CA GLN B 65 -15.52 -3.14 -3.37
C GLN B 65 -14.43 -3.04 -4.44
N HIS B 66 -14.86 -3.08 -5.70
CA HIS B 66 -13.92 -3.00 -6.82
C HIS B 66 -13.34 -1.61 -7.05
N PHE B 67 -14.15 -0.57 -6.84
CA PHE B 67 -13.71 0.81 -7.01
C PHE B 67 -12.86 1.26 -5.83
N THR B 68 -13.31 0.91 -4.63
CA THR B 68 -12.61 1.31 -3.40
C THR B 68 -11.30 0.58 -3.21
N GLN B 69 -11.19 -0.64 -3.71
CA GLN B 69 -9.93 -1.36 -3.57
C GLN B 69 -8.79 -0.61 -4.28
N ARG B 70 -9.14 0.27 -5.22
CA ARG B 70 -8.21 1.07 -6.01
C ARG B 70 -7.77 2.35 -5.32
N ALA B 71 -8.28 2.56 -4.12
CA ALA B 71 -7.89 3.71 -3.30
C ALA B 71 -6.42 3.47 -3.03
N CYS B 72 -6.02 2.21 -3.02
CA CYS B 72 -4.63 1.94 -2.82
C CYS B 72 -4.21 0.56 -3.34
N GLY B 73 -2.99 0.50 -3.85
CA GLY B 73 -2.43 -0.72 -4.40
C GLY B 73 -1.38 -1.27 -3.47
N VAL B 74 -1.05 -0.55 -2.41
CA VAL B 74 -0.09 -1.04 -1.42
C VAL B 74 -0.97 -1.78 -0.43
N CYS B 75 -1.96 -1.07 0.11
CA CYS B 75 -2.90 -1.65 1.06
C CYS B 75 -3.84 -2.68 0.37
N THR B 76 -3.54 -3.18 -0.83
CA THR B 76 -4.46 -4.10 -1.52
C THR B 76 -5.37 -5.01 -0.70
N TYR B 77 -6.56 -5.26 -1.24
CA TYR B 77 -7.56 -6.10 -0.60
C TYR B 77 -8.30 -5.46 0.57
N VAL B 78 -7.57 -4.87 1.50
CA VAL B 78 -8.19 -4.27 2.69
C VAL B 78 -9.41 -3.41 2.38
N HIS B 79 -9.36 -2.64 1.28
CA HIS B 79 -10.51 -1.79 0.91
C HIS B 79 -11.64 -2.65 0.31
N ALA B 80 -11.30 -3.73 -0.37
CA ALA B 80 -12.31 -4.63 -0.94
C ALA B 80 -12.96 -5.35 0.24
N LEU B 81 -12.17 -5.63 1.27
CA LEU B 81 -12.64 -6.30 2.48
C LEU B 81 -13.56 -5.37 3.22
N ALA B 82 -13.06 -4.16 3.52
CA ALA B 82 -13.80 -3.16 4.26
C ALA B 82 -15.12 -2.86 3.57
N SER B 83 -15.07 -2.77 2.25
CA SER B 83 -16.27 -2.54 1.45
C SER B 83 -17.22 -3.77 1.48
N SER B 84 -16.67 -4.98 1.42
CA SER B 84 -17.49 -6.18 1.47
C SER B 84 -18.20 -6.27 2.82
N ARG B 85 -17.47 -5.97 3.90
CA ARG B 85 -18.04 -5.96 5.25
C ARG B 85 -19.10 -4.86 5.37
N CYS B 86 -18.88 -3.77 4.66
CA CYS B 86 -19.82 -2.66 4.69
C CYS B 86 -21.17 -3.01 4.06
N VAL B 87 -21.14 -3.61 2.88
CA VAL B 87 -22.35 -3.98 2.15
C VAL B 87 -23.02 -5.19 2.79
N ASP B 88 -22.21 -6.06 3.39
CA ASP B 88 -22.73 -7.21 4.08
C ASP B 88 -23.57 -6.63 5.20
N ASP B 89 -23.14 -5.51 5.75
CA ASP B 89 -23.89 -4.88 6.83
C ASP B 89 -25.20 -4.25 6.32
N ALA B 90 -25.13 -3.36 5.33
CA ALA B 90 -26.35 -2.72 4.80
C ALA B 90 -27.35 -3.77 4.29
N VAL B 91 -26.82 -4.81 3.68
CA VAL B 91 -27.62 -5.91 3.12
C VAL B 91 -28.15 -6.86 4.20
N LYS B 92 -27.50 -6.82 5.37
CA LYS B 92 -27.81 -7.67 6.54
C LYS B 92 -27.51 -9.15 6.30
N VAL B 93 -26.36 -9.47 5.70
CA VAL B 93 -25.97 -10.86 5.44
C VAL B 93 -24.91 -11.29 6.41
N SER B 94 -25.03 -12.51 6.91
CA SER B 94 -24.06 -13.07 7.82
C SER B 94 -23.23 -14.09 7.08
N ILE B 95 -22.09 -13.64 6.63
CA ILE B 95 -21.16 -14.48 5.88
C ILE B 95 -20.83 -15.77 6.62
N PRO B 96 -20.62 -16.86 5.87
CA PRO B 96 -20.30 -18.12 6.51
C PRO B 96 -18.93 -18.15 7.22
N ALA B 97 -18.78 -19.13 8.10
CA ALA B 97 -17.58 -19.35 8.87
C ALA B 97 -16.28 -19.34 8.06
N ASN B 98 -16.28 -20.05 6.93
CA ASN B 98 -15.13 -20.18 6.02
C ASN B 98 -14.74 -18.84 5.33
N ALA B 99 -15.74 -17.98 5.13
CA ALA B 99 -15.55 -16.68 4.50
C ALA B 99 -14.76 -15.82 5.48
N ARG B 100 -15.18 -15.84 6.74
CA ARG B 100 -14.53 -15.10 7.79
C ARG B 100 -13.07 -15.57 7.89
N MET B 101 -12.87 -16.89 7.94
CA MET B 101 -11.53 -17.46 8.04
C MET B 101 -10.63 -17.07 6.85
N MET B 102 -11.18 -17.12 5.63
CA MET B 102 -10.44 -16.78 4.41
C MET B 102 -10.16 -15.29 4.26
N ARG B 103 -11.12 -14.48 4.68
CA ARG B 103 -10.99 -13.02 4.60
C ARG B 103 -9.97 -12.56 5.61
N ASN B 104 -10.00 -13.17 6.79
CA ASN B 104 -9.08 -12.84 7.85
C ASN B 104 -7.67 -13.36 7.53
N LEU B 105 -7.59 -14.50 6.86
CA LEU B 105 -6.30 -15.05 6.47
C LEU B 105 -5.63 -14.21 5.38
N VAL B 106 -6.38 -13.74 4.40
CA VAL B 106 -5.78 -12.93 3.36
C VAL B 106 -5.20 -11.66 4.00
N MET B 107 -5.92 -11.06 4.97
CA MET B 107 -5.46 -9.84 5.65
C MET B 107 -4.16 -10.09 6.41
N ALA B 108 -4.01 -11.28 6.97
CA ALA B 108 -2.79 -11.62 7.69
C ALA B 108 -1.67 -11.67 6.68
N SER B 109 -1.94 -12.25 5.50
CA SER B 109 -0.94 -12.33 4.44
C SER B 109 -0.49 -10.95 4.02
N GLN B 110 -1.45 -10.02 4.01
CA GLN B 110 -1.24 -8.63 3.67
C GLN B 110 -0.38 -7.96 4.75
N TYR B 111 -0.67 -8.22 6.02
CA TYR B 111 0.13 -7.64 7.09
C TYR B 111 1.57 -8.06 6.86
N LEU B 112 1.76 -9.36 6.61
CA LEU B 112 3.07 -9.95 6.36
C LEU B 112 3.83 -9.22 5.23
N HIS B 113 3.28 -9.20 4.02
CA HIS B 113 3.92 -8.54 2.89
C HIS B 113 4.15 -7.05 3.13
N ASP B 114 3.14 -6.37 3.65
CA ASP B 114 3.19 -4.93 3.87
C ASP B 114 4.27 -4.44 4.83
N HIS B 115 4.37 -5.05 6.01
CA HIS B 115 5.36 -4.62 7.01
C HIS B 115 6.82 -4.97 6.68
N LEU B 116 7.00 -6.01 5.87
CA LEU B 116 8.33 -6.44 5.46
C LEU B 116 8.89 -5.40 4.48
N VAL B 117 8.11 -5.12 3.43
CA VAL B 117 8.45 -4.16 2.41
C VAL B 117 8.62 -2.76 3.05
N HIS B 118 7.71 -2.37 3.90
CA HIS B 118 7.82 -1.06 4.53
C HIS B 118 9.09 -0.90 5.35
N PHE B 119 9.42 -1.88 6.17
CA PHE B 119 10.62 -1.74 6.96
C PHE B 119 11.88 -1.68 6.08
N TYR B 120 12.03 -2.61 5.15
CA TYR B 120 13.24 -2.59 4.31
C TYR B 120 13.31 -1.59 3.19
N HIS B 121 12.29 -1.62 2.33
CA HIS B 121 12.29 -0.79 1.15
C HIS B 121 11.83 0.63 1.32
N LEU B 122 11.04 0.87 2.36
CA LEU B 122 10.52 2.18 2.64
C LEU B 122 11.15 2.94 3.81
N HIS B 123 11.39 2.28 4.94
CA HIS B 123 11.96 2.99 6.09
C HIS B 123 13.47 2.88 6.28
N ALA B 124 13.96 1.65 6.17
CA ALA B 124 15.37 1.33 6.36
C ALA B 124 16.35 2.39 5.90
N LEU B 125 16.20 2.88 4.67
CA LEU B 125 17.10 3.90 4.12
C LEU B 125 17.24 5.17 4.98
N ASP B 126 16.41 5.32 6.02
CA ASP B 126 16.43 6.46 6.94
C ASP B 126 17.43 6.23 8.11
N TRP B 127 17.77 4.97 8.38
CA TRP B 127 18.70 4.63 9.46
C TRP B 127 19.99 3.98 8.94
N VAL B 128 19.87 3.24 7.83
CA VAL B 128 21.01 2.56 7.22
C VAL B 128 21.67 3.41 6.14
N ASP B 129 23.00 3.39 6.15
CA ASP B 129 23.84 4.10 5.19
C ASP B 129 24.33 2.99 4.25
N VAL B 130 23.74 2.82 3.07
CA VAL B 130 24.17 1.77 2.14
C VAL B 130 25.64 1.91 1.68
N THR B 131 26.10 3.15 1.54
CA THR B 131 27.47 3.40 1.12
C THR B 131 28.49 2.95 2.18
N ALA B 132 28.10 2.99 3.45
CA ALA B 132 29.01 2.58 4.51
C ALA B 132 29.08 1.06 4.59
N ALA B 133 28.18 0.38 3.89
CA ALA B 133 28.19 -1.08 3.86
C ALA B 133 29.42 -1.51 3.01
N LEU B 134 29.91 -0.57 2.21
CA LEU B 134 31.10 -0.78 1.37
C LEU B 134 32.37 -0.81 2.21
N LYS B 135 32.33 -0.16 3.36
CA LYS B 135 33.46 -0.06 4.26
C LYS B 135 33.63 -1.22 5.28
N ALA B 136 32.58 -1.99 5.50
CA ALA B 136 32.61 -3.07 6.46
C ALA B 136 33.36 -4.27 5.94
N ASP B 137 34.05 -4.97 6.83
CA ASP B 137 34.73 -6.19 6.42
C ASP B 137 33.69 -7.30 6.63
N PRO B 138 33.44 -8.11 5.59
CA PRO B 138 32.47 -9.21 5.65
C PRO B 138 32.69 -10.21 6.82
N ASN B 139 33.94 -10.61 7.06
CA ASN B 139 34.25 -11.54 8.15
C ASN B 139 33.83 -10.95 9.53
N LYS B 140 34.13 -9.67 9.74
CA LYS B 140 33.76 -8.98 10.98
C LYS B 140 32.24 -8.82 11.05
N ALA B 141 31.62 -8.56 9.89
CA ALA B 141 30.17 -8.41 9.80
C ALA B 141 29.44 -9.73 10.17
N ALA B 142 29.88 -10.84 9.56
CA ALA B 142 29.31 -12.16 9.77
C ALA B 142 29.34 -12.63 11.20
N LYS B 143 30.35 -12.16 11.94
CA LYS B 143 30.52 -12.53 13.34
C LYS B 143 29.44 -11.84 14.14
N LEU B 144 29.24 -10.56 13.83
CA LEU B 144 28.26 -9.73 14.48
C LEU B 144 26.88 -10.31 14.17
N ALA B 145 26.66 -10.66 12.90
CA ALA B 145 25.38 -11.23 12.47
C ALA B 145 25.13 -12.52 13.25
N ALA B 146 26.22 -13.27 13.45
CA ALA B 146 26.19 -14.53 14.17
C ALA B 146 25.98 -14.34 15.65
N SER B 147 26.22 -13.12 16.14
CA SER B 147 26.06 -12.86 17.55
C SER B 147 24.70 -12.25 17.85
N ILE B 148 24.16 -11.50 16.87
CA ILE B 148 22.88 -10.80 17.04
C ILE B 148 21.63 -11.41 16.38
N ASP B 149 21.81 -12.21 15.34
CA ASP B 149 20.66 -12.81 14.66
C ASP B 149 20.64 -14.31 14.78
N THR B 150 19.57 -14.89 14.26
CA THR B 150 19.41 -16.33 14.21
C THR B 150 20.54 -16.80 13.25
N ALA B 151 21.08 -17.99 13.45
CA ALA B 151 22.17 -18.47 12.59
C ALA B 151 21.67 -18.82 11.20
N ARG B 152 22.11 -18.04 10.23
CA ARG B 152 21.64 -18.30 8.90
C ARG B 152 22.74 -18.31 7.88
N THR B 153 22.57 -19.18 6.90
CA THR B 153 23.53 -19.27 5.83
C THR B 153 23.58 -17.92 5.10
N GLY B 154 22.48 -17.17 5.10
CA GLY B 154 22.45 -15.87 4.44
C GLY B 154 23.32 -14.78 5.09
N ASN B 155 23.65 -14.97 6.37
CA ASN B 155 24.47 -14.02 7.11
C ASN B 155 25.94 -14.44 7.13
N SER B 156 26.34 -15.29 6.17
CA SER B 156 27.72 -15.75 6.11
C SER B 156 28.72 -14.69 5.62
N GLU B 157 30.00 -15.00 5.79
CA GLU B 157 31.09 -14.13 5.36
C GLU B 157 31.01 -13.98 3.84
N LYS B 158 30.79 -15.09 3.15
CA LYS B 158 30.71 -15.10 1.69
C LYS B 158 29.42 -14.52 1.16
N ALA B 159 28.34 -14.66 1.91
CA ALA B 159 27.06 -14.13 1.47
C ALA B 159 27.15 -12.62 1.57
N LEU B 160 27.64 -12.14 2.71
CA LEU B 160 27.78 -10.73 2.95
C LEU B 160 28.74 -10.11 1.95
N LYS B 161 29.84 -10.81 1.70
CA LYS B 161 30.88 -10.39 0.76
C LYS B 161 30.32 -10.14 -0.65
N ALA B 162 29.53 -11.07 -1.14
CA ALA B 162 28.91 -10.98 -2.47
C ALA B 162 27.99 -9.78 -2.52
N VAL B 163 27.30 -9.53 -1.42
CA VAL B 163 26.39 -8.41 -1.32
C VAL B 163 27.22 -7.16 -1.50
N GLN B 164 28.31 -7.09 -0.73
CA GLN B 164 29.23 -5.96 -0.77
C GLN B 164 29.87 -5.78 -2.14
N ASP B 165 30.13 -6.90 -2.84
CA ASP B 165 30.77 -6.87 -4.17
C ASP B 165 29.80 -6.43 -5.27
N LYS B 166 28.51 -6.67 -5.05
CA LYS B 166 27.42 -6.32 -5.96
C LYS B 166 27.15 -4.82 -5.88
N LEU B 167 27.10 -4.34 -4.65
CA LEU B 167 26.85 -2.95 -4.35
C LEU B 167 28.01 -2.11 -4.84
N LYS B 168 29.21 -2.59 -4.53
CA LYS B 168 30.45 -1.93 -4.90
C LYS B 168 30.54 -1.67 -6.38
N ALA B 169 30.29 -2.72 -7.15
CA ALA B 169 30.34 -2.65 -8.61
C ALA B 169 29.37 -1.58 -9.07
N PHE B 170 28.12 -1.72 -8.62
CA PHE B 170 27.01 -0.81 -8.91
C PHE B 170 27.42 0.63 -8.64
N VAL B 171 27.90 0.87 -7.43
CA VAL B 171 28.30 2.20 -7.04
C VAL B 171 29.40 2.67 -7.95
N GLU B 172 30.40 1.81 -8.14
CA GLU B 172 31.53 2.15 -9.00
C GLU B 172 31.16 2.20 -10.47
N SER B 173 29.87 2.14 -10.76
CA SER B 173 29.38 2.17 -12.14
C SER B 173 29.06 3.61 -12.40
N GLY B 174 28.81 4.36 -11.33
CA GLY B 174 28.48 5.78 -11.45
C GLY B 174 27.00 6.03 -11.68
N GLN B 175 26.26 4.95 -11.95
CA GLN B 175 24.80 4.97 -12.17
C GLN B 175 24.07 4.50 -10.89
N LEU B 176 24.12 5.37 -9.87
CA LEU B 176 23.55 5.15 -8.55
C LEU B 176 22.06 4.86 -8.46
N GLY B 177 21.32 5.28 -9.47
CA GLY B 177 19.90 5.01 -9.51
C GLY B 177 19.13 5.53 -8.34
N ILE B 178 18.45 4.64 -7.61
CA ILE B 178 17.62 5.07 -6.50
C ILE B 178 18.40 5.67 -5.36
N PHE B 179 19.71 5.45 -5.38
CA PHE B 179 20.55 5.99 -4.33
C PHE B 179 21.06 7.36 -4.69
N THR B 180 20.70 7.85 -5.87
CA THR B 180 21.11 9.15 -6.30
C THR B 180 20.63 10.18 -5.31
N ASN B 181 21.57 11.01 -4.86
CA ASN B 181 21.29 12.11 -3.91
C ASN B 181 20.91 11.72 -2.49
N ALA B 182 21.03 10.44 -2.18
CA ALA B 182 20.71 9.93 -0.86
C ALA B 182 21.32 10.83 0.23
N TYR B 183 20.55 11.13 1.27
CA TYR B 183 20.99 11.96 2.39
C TYR B 183 22.25 11.38 3.09
N PHE B 184 22.50 10.10 2.88
CA PHE B 184 23.65 9.49 3.50
C PHE B 184 24.89 9.48 2.62
N LEU B 185 24.78 10.02 1.41
CA LEU B 185 25.96 10.05 0.57
C LEU B 185 26.89 11.14 1.16
N GLY B 186 28.10 10.72 1.51
CA GLY B 186 29.10 11.62 2.07
C GLY B 186 29.22 11.58 3.59
N GLY B 187 28.35 10.80 4.21
CA GLY B 187 28.34 10.73 5.64
C GLY B 187 27.25 11.71 6.08
N HIS B 188 26.58 11.40 7.19
CA HIS B 188 25.51 12.25 7.69
C HIS B 188 25.51 12.00 9.17
N LYS B 189 25.63 13.06 9.96
CA LYS B 189 25.66 12.96 11.44
C LYS B 189 24.49 12.18 12.11
N ALA B 190 23.38 12.07 11.39
CA ALA B 190 22.18 11.38 11.87
C ALA B 190 22.29 9.87 11.71
N TYR B 191 23.22 9.41 10.90
CA TYR B 191 23.37 7.97 10.70
C TYR B 191 24.40 7.33 11.65
N TYR B 192 23.94 6.62 12.66
CA TYR B 192 24.83 6.02 13.67
C TYR B 192 25.32 4.57 13.51
N LEU B 193 24.61 3.76 12.74
CA LEU B 193 24.99 2.35 12.60
C LEU B 193 26.41 2.09 12.12
N PRO B 194 27.07 1.07 12.69
CA PRO B 194 28.43 0.74 12.25
C PRO B 194 28.33 -0.05 10.92
N PRO B 195 29.24 0.22 9.96
CA PRO B 195 29.34 -0.38 8.62
C PRO B 195 28.95 -1.85 8.55
N GLU B 196 29.25 -2.58 9.61
CA GLU B 196 28.94 -4.01 9.69
C GLU B 196 27.43 -4.18 9.67
N VAL B 197 26.72 -3.37 10.45
CA VAL B 197 25.26 -3.43 10.47
C VAL B 197 24.67 -2.83 9.19
N ASN B 198 25.38 -1.88 8.56
CA ASN B 198 24.91 -1.33 7.29
C ASN B 198 24.96 -2.41 6.22
N LEU B 199 25.99 -3.23 6.26
CA LEU B 199 26.17 -4.33 5.31
C LEU B 199 25.09 -5.42 5.54
N ILE B 200 24.90 -5.81 6.80
CA ILE B 200 23.90 -6.81 7.18
C ILE B 200 22.50 -6.39 6.73
N ALA B 201 22.11 -5.17 7.08
CA ALA B 201 20.81 -4.66 6.71
C ALA B 201 20.66 -4.65 5.20
N THR B 202 21.70 -4.18 4.49
CA THR B 202 21.65 -4.11 3.03
C THR B 202 21.55 -5.50 2.38
N ALA B 203 22.14 -6.51 3.00
CA ALA B 203 22.06 -7.87 2.47
C ALA B 203 20.58 -8.30 2.59
N HIS B 204 19.97 -8.03 3.75
CA HIS B 204 18.56 -8.38 4.05
C HIS B 204 17.52 -7.57 3.26
N TYR B 205 17.91 -6.38 2.84
CA TYR B 205 17.10 -5.47 2.05
C TYR B 205 16.87 -6.15 0.71
N LEU B 206 17.96 -6.61 0.10
CA LEU B 206 17.88 -7.30 -1.19
C LEU B 206 17.15 -8.63 -1.07
N GLU B 207 17.33 -9.30 0.08
CA GLU B 207 16.67 -10.57 0.40
C GLU B 207 15.15 -10.34 0.48
N ALA B 208 14.73 -9.26 1.14
CA ALA B 208 13.32 -8.96 1.28
C ALA B 208 12.63 -8.66 -0.05
N LEU B 209 13.40 -8.30 -1.07
CA LEU B 209 12.84 -8.00 -2.40
C LEU B 209 12.34 -9.29 -3.01
N HIS B 210 12.97 -10.39 -2.60
CA HIS B 210 12.61 -11.68 -3.10
C HIS B 210 11.60 -12.31 -2.18
N MET B 211 11.76 -12.10 -0.89
CA MET B 211 10.84 -12.67 0.07
C MET B 211 9.44 -12.11 -0.07
N GLN B 212 9.34 -10.83 -0.39
CA GLN B 212 8.04 -10.18 -0.58
C GLN B 212 7.28 -10.77 -1.77
N VAL B 213 7.99 -11.25 -2.80
CA VAL B 213 7.36 -11.85 -3.98
C VAL B 213 6.66 -13.11 -3.47
N LYS B 214 7.44 -13.94 -2.81
CA LYS B 214 6.97 -15.18 -2.24
C LYS B 214 5.76 -14.94 -1.28
N ALA B 215 5.77 -13.83 -0.53
CA ALA B 215 4.68 -13.50 0.41
C ALA B 215 3.39 -13.06 -0.28
N ALA B 216 3.53 -12.39 -1.42
CA ALA B 216 2.40 -11.92 -2.22
C ALA B 216 1.83 -13.07 -3.05
N SER B 217 2.60 -14.15 -3.14
CA SER B 217 2.24 -15.35 -3.89
C SER B 217 1.35 -16.23 -3.02
N ALA B 218 1.62 -16.23 -1.72
CA ALA B 218 0.82 -16.98 -0.77
C ALA B 218 -0.55 -16.29 -0.72
N MET B 219 -0.56 -14.96 -0.62
CA MET B 219 -1.81 -14.20 -0.58
C MET B 219 -2.67 -14.49 -1.83
N ALA B 220 -2.05 -14.53 -3.00
CA ALA B 220 -2.75 -14.78 -4.26
C ALA B 220 -3.44 -16.14 -4.36
N ILE B 221 -3.03 -17.11 -3.55
CA ILE B 221 -3.62 -18.45 -3.54
C ILE B 221 -5.08 -18.36 -3.09
N LEU B 222 -5.25 -17.67 -1.96
CA LEU B 222 -6.53 -17.38 -1.36
C LEU B 222 -7.24 -16.18 -2.00
N GLY B 223 -6.47 -15.15 -2.34
CA GLY B 223 -7.03 -13.95 -2.91
C GLY B 223 -7.17 -13.83 -4.40
N GLY B 224 -6.89 -14.88 -5.16
CA GLY B 224 -7.03 -14.77 -6.60
C GLY B 224 -5.78 -14.22 -7.28
N LYS B 225 -5.22 -13.15 -6.74
CA LYS B 225 -3.99 -12.52 -7.26
C LYS B 225 -3.57 -11.28 -6.47
N ASN B 226 -2.30 -10.89 -6.61
CA ASN B 226 -1.80 -9.71 -5.90
C ASN B 226 -0.87 -8.97 -6.87
N PRO B 227 -1.00 -7.63 -6.99
CA PRO B 227 -1.93 -6.74 -6.28
C PRO B 227 -3.38 -6.80 -6.76
N HIS B 228 -4.30 -6.50 -5.84
CA HIS B 228 -5.74 -6.46 -6.08
C HIS B 228 -6.44 -7.80 -6.19
N THR B 229 -6.75 -8.35 -5.02
CA THR B 229 -7.40 -9.64 -4.88
C THR B 229 -8.75 -9.65 -5.59
N GLN B 230 -9.16 -10.81 -6.11
CA GLN B 230 -10.46 -10.94 -6.77
C GLN B 230 -11.18 -12.22 -6.29
N PHE B 231 -11.49 -12.28 -5.00
CA PHE B 231 -12.14 -13.46 -4.42
C PHE B 231 -13.31 -13.17 -3.46
N THR B 232 -13.45 -11.92 -3.00
CA THR B 232 -14.56 -11.58 -2.12
C THR B 232 -15.79 -11.19 -2.94
N VAL B 233 -16.96 -11.54 -2.40
CA VAL B 233 -18.24 -11.25 -3.03
C VAL B 233 -19.24 -10.93 -1.90
N VAL B 234 -20.31 -10.19 -2.16
CA VAL B 234 -21.27 -9.88 -1.09
C VAL B 234 -21.82 -11.21 -0.59
N GLY B 235 -21.64 -11.46 0.70
CA GLY B 235 -22.12 -12.68 1.33
C GLY B 235 -20.99 -13.59 1.77
N GLY B 236 -19.77 -13.35 1.30
CA GLY B 236 -18.63 -14.20 1.66
C GLY B 236 -17.52 -14.10 0.62
N CYS B 237 -17.04 -15.25 0.14
CA CYS B 237 -16.00 -15.30 -0.90
C CYS B 237 -16.46 -16.21 -2.03
N SER B 238 -15.66 -16.32 -3.08
CA SER B 238 -16.01 -17.17 -4.21
C SER B 238 -14.95 -18.24 -4.47
N ASN B 239 -13.80 -18.11 -3.80
CA ASN B 239 -12.65 -19.00 -3.95
C ASN B 239 -12.75 -20.35 -3.23
N TYR B 240 -13.60 -21.21 -3.77
CA TYR B 240 -13.85 -22.54 -3.27
C TYR B 240 -12.58 -23.41 -3.24
N GLN B 241 -11.68 -23.16 -4.17
CA GLN B 241 -10.43 -23.91 -4.22
C GLN B 241 -9.47 -23.53 -3.08
N GLY B 242 -9.63 -22.32 -2.52
CA GLY B 242 -8.76 -21.88 -1.44
C GLY B 242 -9.03 -22.68 -0.17
N LEU B 243 -10.13 -23.42 -0.22
CA LEU B 243 -10.61 -24.27 0.87
C LEU B 243 -9.96 -25.68 0.78
N THR B 244 -9.29 -25.97 -0.32
CA THR B 244 -8.73 -27.31 -0.51
C THR B 244 -7.34 -27.63 0.00
N LYS B 245 -7.08 -28.93 -0.01
CA LYS B 245 -5.86 -29.52 0.49
C LYS B 245 -4.52 -29.03 -0.07
N ASP B 246 -4.33 -29.13 -1.38
CA ASP B 246 -3.06 -28.73 -1.99
C ASP B 246 -2.75 -27.23 -1.89
N PRO B 247 -3.71 -26.35 -2.27
CA PRO B 247 -3.50 -24.91 -2.20
C PRO B 247 -3.20 -24.49 -0.79
N LEU B 248 -3.99 -24.99 0.15
CA LEU B 248 -3.79 -24.66 1.54
C LEU B 248 -2.43 -25.14 2.02
N ALA B 249 -2.00 -26.30 1.52
CA ALA B 249 -0.72 -26.86 1.90
C ALA B 249 0.39 -25.92 1.46
N ASN B 250 0.27 -25.47 0.22
CA ASN B 250 1.21 -24.57 -0.45
C ASN B 250 1.26 -23.22 0.23
N TYR B 251 0.07 -22.75 0.56
CA TYR B 251 -0.13 -21.50 1.25
C TYR B 251 0.67 -21.55 2.55
N LEU B 252 0.43 -22.62 3.30
CA LEU B 252 1.09 -22.86 4.58
C LEU B 252 2.59 -22.89 4.41
N ALA B 253 3.06 -23.43 3.30
CA ALA B 253 4.49 -23.51 3.01
C ALA B 253 5.07 -22.13 2.80
N LEU B 254 4.54 -21.38 1.82
CA LEU B 254 5.04 -20.05 1.55
C LEU B 254 4.98 -19.19 2.81
N SER B 255 3.86 -19.24 3.50
CA SER B 255 3.70 -18.45 4.70
C SER B 255 4.83 -18.72 5.68
N LYS B 256 5.17 -20.00 5.86
CA LYS B 256 6.23 -20.47 6.79
C LYS B 256 7.57 -19.89 6.44
N GLU B 257 7.84 -19.87 5.15
CA GLU B 257 9.07 -19.35 4.60
C GLU B 257 9.19 -17.82 4.74
N VAL B 258 8.05 -17.14 4.75
CA VAL B 258 8.01 -15.70 4.92
C VAL B 258 8.26 -15.40 6.40
N CYS B 259 7.80 -16.31 7.27
CA CYS B 259 7.94 -16.16 8.71
C CYS B 259 9.34 -16.42 9.24
N GLN B 260 10.11 -17.22 8.52
CA GLN B 260 11.49 -17.50 8.88
C GLN B 260 12.32 -16.22 8.71
N PHE B 261 11.98 -15.43 7.71
CA PHE B 261 12.68 -14.18 7.42
C PHE B 261 12.32 -13.15 8.46
N VAL B 262 11.02 -13.08 8.79
CA VAL B 262 10.51 -12.15 9.79
C VAL B 262 11.35 -12.32 11.04
N ASN B 263 11.56 -13.56 11.43
CA ASN B 263 12.31 -13.86 12.64
C ASN B 263 13.85 -13.85 12.55
N GLU B 264 14.43 -14.35 11.48
CA GLU B 264 15.88 -14.36 11.35
C GLU B 264 16.49 -13.04 10.93
N CYS B 265 15.73 -12.28 10.15
CA CYS B 265 16.21 -11.00 9.68
C CYS B 265 15.41 -9.80 10.17
N TYR B 266 14.14 -9.73 9.79
CA TYR B 266 13.30 -8.59 10.12
C TYR B 266 13.37 -8.07 11.57
N ILE B 267 12.95 -8.91 12.51
CA ILE B 267 12.94 -8.54 13.90
C ILE B 267 14.34 -8.22 14.46
N PRO B 268 15.32 -9.09 14.19
CA PRO B 268 16.68 -8.85 14.67
C PRO B 268 17.18 -7.49 14.17
N ASP B 269 17.01 -7.23 12.87
CA ASP B 269 17.43 -5.98 12.26
C ASP B 269 16.78 -4.82 12.97
N LEU B 270 15.46 -4.92 13.15
CA LEU B 270 14.65 -3.91 13.81
C LEU B 270 15.20 -3.65 15.21
N LEU B 271 15.48 -4.71 15.94
CA LEU B 271 16.04 -4.57 17.28
C LEU B 271 17.45 -3.99 17.24
N ALA B 272 18.21 -4.36 16.20
CA ALA B 272 19.59 -3.89 16.01
C ALA B 272 19.56 -2.38 15.83
N VAL B 273 18.82 -1.93 14.81
CA VAL B 273 18.67 -0.51 14.49
C VAL B 273 18.17 0.28 15.70
N ALA B 274 17.28 -0.35 16.45
CA ALA B 274 16.68 0.28 17.61
C ALA B 274 17.70 0.50 18.72
N GLY B 275 18.62 -0.44 18.88
CA GLY B 275 19.64 -0.33 19.92
C GLY B 275 20.51 0.88 19.69
N PHE B 276 21.01 1.03 18.48
CA PHE B 276 21.86 2.20 18.16
C PHE B 276 21.11 3.52 18.24
N TYR B 277 19.82 3.56 17.93
CA TYR B 277 19.05 4.80 17.95
C TYR B 277 18.07 4.95 19.09
N LYS B 278 18.40 4.46 20.27
CA LYS B 278 17.49 4.57 21.40
C LYS B 278 17.04 6.00 21.68
N ASP B 279 17.76 6.98 21.13
CA ASP B 279 17.37 8.36 21.34
C ASP B 279 16.05 8.71 20.66
N TRP B 280 15.65 7.84 19.74
CA TRP B 280 14.41 7.97 19.00
C TRP B 280 13.21 7.43 19.78
N GLY B 281 13.49 6.75 20.89
CA GLY B 281 12.43 6.26 21.75
C GLY B 281 11.83 7.45 22.50
N GLY B 282 12.46 8.62 22.38
CA GLY B 282 11.95 9.82 23.03
C GLY B 282 11.57 10.94 22.05
N ILE B 283 11.54 10.64 20.75
CA ILE B 283 11.21 11.62 19.69
C ILE B 283 9.94 11.19 18.94
N GLY B 284 9.07 12.15 18.67
CA GLY B 284 7.83 11.94 17.93
C GLY B 284 6.68 11.12 18.49
N GLY B 285 6.31 11.36 19.75
CA GLY B 285 5.23 10.62 20.39
C GLY B 285 3.88 11.30 20.32
N THR B 286 2.82 10.54 20.56
CA THR B 286 1.44 11.03 20.52
C THR B 286 0.74 10.54 21.77
N SER B 287 -0.50 10.96 22.01
CA SER B 287 -1.25 10.54 23.20
C SER B 287 -2.37 9.52 22.91
N ASN B 288 -3.27 9.88 22.00
CA ASN B 288 -4.44 9.06 21.62
C ASN B 288 -4.24 7.97 20.56
N TYR B 289 -4.84 6.81 20.84
CA TYR B 289 -4.79 5.60 20.01
C TYR B 289 -6.17 5.01 19.80
N LEU B 290 -6.47 4.58 18.58
CA LEU B 290 -7.76 4.00 18.25
C LEU B 290 -7.58 2.73 17.40
N ALA B 291 -8.38 1.71 17.69
CA ALA B 291 -8.34 0.45 16.96
C ALA B 291 -9.72 -0.15 16.89
N PHE B 292 -10.12 -0.56 15.67
CA PHE B 292 -11.40 -1.21 15.42
C PHE B 292 -11.12 -2.71 15.56
N GLY B 293 -9.85 -3.07 15.66
CA GLY B 293 -9.46 -4.47 15.81
C GLY B 293 -9.47 -5.35 14.56
N GLU B 294 -8.75 -6.45 14.60
CA GLU B 294 -8.73 -7.35 13.45
C GLU B 294 -8.55 -8.82 13.88
N PHE B 295 -8.86 -9.74 12.98
CA PHE B 295 -8.80 -11.17 13.22
C PHE B 295 -9.88 -11.52 14.24
N ALA B 296 -11.12 -11.17 13.92
CA ALA B 296 -12.28 -11.44 14.79
C ALA B 296 -12.76 -12.86 14.61
N THR B 297 -13.41 -13.39 15.64
CA THR B 297 -13.98 -14.74 15.63
C THR B 297 -15.47 -14.71 15.28
N ASP B 298 -16.06 -13.53 15.28
CA ASP B 298 -17.45 -13.40 14.94
C ASP B 298 -17.53 -12.14 14.12
N ASP B 299 -17.34 -12.30 12.84
CA ASP B 299 -17.40 -11.14 11.98
C ASP B 299 -18.83 -10.93 11.46
N SER B 300 -19.83 -11.27 12.26
CA SER B 300 -21.22 -11.12 11.81
C SER B 300 -21.82 -9.72 11.89
N SER B 301 -21.09 -8.76 12.45
CA SER B 301 -21.55 -7.36 12.58
C SER B 301 -20.41 -6.49 13.14
N PRO B 302 -20.49 -5.15 13.01
CA PRO B 302 -19.41 -4.32 13.54
C PRO B 302 -19.20 -4.48 15.04
N GLU B 303 -20.29 -4.62 15.78
CA GLU B 303 -20.23 -4.79 17.22
C GLU B 303 -19.54 -6.12 17.48
N LYS B 304 -19.95 -7.14 16.76
CA LYS B 304 -19.32 -8.42 16.95
C LYS B 304 -17.85 -8.48 16.49
N HIS B 305 -17.46 -7.56 15.61
CA HIS B 305 -16.08 -7.47 15.15
C HIS B 305 -15.22 -6.84 16.25
N LEU B 306 -15.65 -5.67 16.71
CA LEU B 306 -14.97 -4.91 17.74
C LEU B 306 -14.72 -5.76 18.96
N ALA B 307 -15.77 -6.46 19.39
CA ALA B 307 -15.69 -7.31 20.57
C ALA B 307 -14.88 -8.58 20.39
N THR B 308 -15.00 -9.25 19.25
CA THR B 308 -14.30 -10.52 19.09
C THR B 308 -12.93 -10.55 18.44
N SER B 309 -12.40 -9.39 18.08
CA SER B 309 -11.11 -9.32 17.42
C SER B 309 -9.92 -9.86 18.22
N GLN B 310 -9.18 -10.81 17.67
CA GLN B 310 -8.01 -11.35 18.35
C GLN B 310 -7.04 -10.19 18.57
N PHE B 311 -6.96 -9.27 17.61
CA PHE B 311 -6.18 -8.05 17.80
C PHE B 311 -7.35 -7.11 18.14
N PRO B 312 -7.57 -6.86 19.46
CA PRO B 312 -8.61 -6.03 20.09
C PRO B 312 -8.82 -4.56 19.77
N SER B 313 -10.00 -4.07 20.17
CA SER B 313 -10.43 -2.72 19.95
C SER B 313 -10.22 -1.89 21.19
N GLY B 314 -10.19 -0.58 20.99
CA GLY B 314 -10.04 0.31 22.10
C GLY B 314 -9.62 1.70 21.66
N VAL B 315 -9.83 2.64 22.57
CA VAL B 315 -9.44 4.01 22.34
C VAL B 315 -8.77 4.43 23.64
N ILE B 316 -7.47 4.66 23.53
CA ILE B 316 -6.63 5.11 24.65
C ILE B 316 -6.46 6.61 24.44
N THR B 317 -6.83 7.38 25.44
CA THR B 317 -6.73 8.84 25.42
C THR B 317 -5.67 9.24 26.46
N GLY B 318 -5.06 10.41 26.28
CA GLY B 318 -3.97 10.80 27.15
C GLY B 318 -3.07 9.65 26.79
N ARG B 319 -2.31 9.09 27.71
CA ARG B 319 -1.56 7.91 27.31
C ARG B 319 -1.92 6.96 28.44
N ASP B 320 -3.17 7.10 28.89
CA ASP B 320 -3.71 6.32 29.98
C ASP B 320 -3.91 4.91 29.49
N LEU B 321 -2.93 4.06 29.79
CA LEU B 321 -2.98 2.67 29.41
C LEU B 321 -3.82 1.86 30.42
N GLY B 322 -4.35 2.56 31.42
CA GLY B 322 -5.16 1.91 32.43
C GLY B 322 -6.61 2.00 32.06
N LYS B 323 -6.92 2.85 31.08
CA LYS B 323 -8.28 3.02 30.59
C LYS B 323 -8.41 2.85 29.07
N VAL B 324 -8.54 1.61 28.60
CA VAL B 324 -8.76 1.39 27.17
C VAL B 324 -10.29 1.42 27.02
N ASP B 325 -10.84 2.52 26.51
CA ASP B 325 -12.30 2.62 26.32
C ASP B 325 -12.75 1.85 25.08
N ASN B 326 -14.07 1.76 24.91
CA ASN B 326 -14.66 1.07 23.77
C ASN B 326 -14.94 2.09 22.67
N VAL B 327 -14.87 1.66 21.43
CA VAL B 327 -15.11 2.54 20.30
C VAL B 327 -16.60 2.75 20.12
N ASP B 328 -16.96 4.02 20.05
CA ASP B 328 -18.31 4.48 19.82
C ASP B 328 -18.27 4.95 18.34
N LEU B 329 -18.79 4.12 17.46
CA LEU B 329 -18.80 4.44 16.05
C LEU B 329 -19.57 5.71 15.75
N GLY B 330 -20.47 6.10 16.64
CA GLY B 330 -21.23 7.33 16.42
C GLY B 330 -20.42 8.58 16.78
N ALA B 331 -19.30 8.37 17.46
CA ALA B 331 -18.41 9.45 17.88
C ALA B 331 -17.46 9.88 16.77
N ILE B 332 -17.11 8.96 15.88
CA ILE B 332 -16.23 9.24 14.75
C ILE B 332 -16.82 10.34 13.83
N TYR B 333 -15.98 11.25 13.36
CA TYR B 333 -16.42 12.29 12.42
C TYR B 333 -15.22 12.90 11.72
N GLU B 334 -15.46 13.74 10.73
CA GLU B 334 -14.36 14.37 10.03
C GLU B 334 -14.64 15.84 9.68
N ASP B 335 -13.67 16.70 9.94
CA ASP B 335 -13.80 18.12 9.61
C ASP B 335 -13.08 18.37 8.28
N VAL B 336 -13.36 19.53 7.68
CA VAL B 336 -12.76 19.92 6.40
C VAL B 336 -12.23 21.35 6.43
N LYS B 337 -12.04 21.89 7.62
CA LYS B 337 -11.58 23.30 7.78
C LYS B 337 -10.24 23.68 7.16
N TYR B 338 -9.23 22.83 7.31
CA TYR B 338 -7.91 23.09 6.76
C TYR B 338 -7.69 22.22 5.56
N SER B 339 -8.77 21.62 5.07
CA SER B 339 -8.71 20.73 3.91
C SER B 339 -9.23 21.45 2.69
N TRP B 340 -8.92 20.89 1.53
CA TRP B 340 -9.33 21.48 0.29
C TRP B 340 -10.75 21.10 -0.11
N TYR B 341 -11.71 21.43 0.75
CA TYR B 341 -13.12 21.16 0.50
C TYR B 341 -13.96 22.40 0.82
N ALA B 342 -15.16 22.42 0.29
CA ALA B 342 -16.05 23.52 0.49
C ALA B 342 -16.30 23.74 1.97
N PRO B 343 -16.53 24.99 2.35
CA PRO B 343 -16.80 25.31 3.75
C PRO B 343 -18.19 24.78 4.14
N GLY B 344 -18.46 24.68 5.43
CA GLY B 344 -19.75 24.20 5.87
C GLY B 344 -19.75 22.74 6.23
N GLY B 345 -18.78 21.97 5.76
CA GLY B 345 -18.76 20.55 6.04
C GLY B 345 -17.91 20.02 7.17
N ASP B 346 -17.63 20.83 8.18
CA ASP B 346 -16.78 20.40 9.28
C ASP B 346 -17.62 19.70 10.30
N GLY B 347 -17.19 18.53 10.74
CA GLY B 347 -17.94 17.84 11.76
C GLY B 347 -18.94 16.84 11.26
N LYS B 348 -18.75 16.31 10.06
CA LYS B 348 -19.70 15.33 9.54
C LYS B 348 -19.39 13.91 9.99
N HIS B 349 -20.42 13.16 10.38
CA HIS B 349 -20.23 11.75 10.76
C HIS B 349 -20.20 11.03 9.40
N PRO B 350 -19.37 9.96 9.28
CA PRO B 350 -19.29 9.24 8.00
C PRO B 350 -20.59 8.99 7.25
N TYR B 351 -21.65 8.61 7.95
CA TYR B 351 -22.92 8.36 7.27
C TYR B 351 -23.52 9.59 6.60
N ASP B 352 -23.03 10.75 7.01
CA ASP B 352 -23.48 12.02 6.48
C ASP B 352 -22.34 12.77 5.83
N GLY B 353 -21.26 12.05 5.52
CA GLY B 353 -20.12 12.68 4.91
C GLY B 353 -20.44 13.44 3.64
N VAL B 354 -19.59 14.41 3.34
CA VAL B 354 -19.74 15.28 2.20
C VAL B 354 -18.39 15.50 1.52
N THR B 355 -18.26 15.16 0.24
CA THR B 355 -16.99 15.36 -0.41
C THR B 355 -17.17 16.42 -1.52
N ASP B 356 -16.88 17.67 -1.18
CA ASP B 356 -17.00 18.79 -2.12
C ASP B 356 -15.61 19.41 -2.32
N PRO B 357 -14.80 18.88 -3.26
CA PRO B 357 -13.48 19.46 -3.45
C PRO B 357 -13.45 20.94 -3.84
N LYS B 358 -12.60 21.71 -3.18
CA LYS B 358 -12.44 23.13 -3.45
C LYS B 358 -11.02 23.47 -3.08
N TYR B 359 -10.17 23.45 -4.10
CA TYR B 359 -8.75 23.73 -3.96
C TYR B 359 -8.53 25.25 -3.76
N THR B 360 -7.46 25.64 -3.07
CA THR B 360 -7.15 27.07 -2.90
C THR B 360 -5.77 27.33 -3.54
N LYS B 361 -4.69 27.28 -2.78
CA LYS B 361 -3.37 27.48 -3.34
C LYS B 361 -2.40 26.68 -2.49
N LEU B 362 -1.15 26.58 -2.97
CA LEU B 362 -0.13 25.86 -2.23
C LEU B 362 0.29 26.68 -1.02
N ASP B 363 0.43 25.96 0.11
CA ASP B 363 0.86 26.56 1.35
C ASP B 363 -0.02 27.70 1.80
N ASP B 364 -1.27 27.36 2.00
CA ASP B 364 -2.28 28.30 2.39
C ASP B 364 -2.33 28.39 3.92
N LYS B 365 -2.06 27.29 4.60
CA LYS B 365 -2.10 27.26 6.07
C LYS B 365 -3.54 27.16 6.55
N ASP B 366 -4.43 27.87 5.87
CA ASP B 366 -5.84 27.80 6.19
C ASP B 366 -6.47 26.63 5.45
N HIS B 367 -5.87 26.26 4.32
CA HIS B 367 -6.34 25.13 3.50
C HIS B 367 -5.12 24.49 2.87
N TYR B 368 -4.68 23.35 3.40
CA TYR B 368 -3.47 22.73 2.90
C TYR B 368 -3.43 21.21 2.65
N SER B 369 -4.56 20.56 2.52
CA SER B 369 -4.53 19.13 2.30
C SER B 369 -5.82 18.63 1.74
N TRP B 370 -5.73 17.58 0.92
CA TRP B 370 -6.89 16.94 0.29
C TRP B 370 -7.48 15.85 1.18
N MET B 371 -6.84 15.61 2.31
CA MET B 371 -7.33 14.64 3.25
C MET B 371 -8.22 15.41 4.19
N LYS B 372 -9.24 14.78 4.75
CA LYS B 372 -10.08 15.45 5.72
C LYS B 372 -9.41 15.20 7.07
N ALA B 373 -9.93 15.85 8.13
CA ALA B 373 -9.37 15.67 9.45
C ALA B 373 -10.34 14.90 10.37
N PRO B 374 -10.23 13.56 10.40
CA PRO B 374 -11.05 12.67 11.24
C PRO B 374 -10.68 12.88 12.70
N ARG B 375 -11.68 13.20 13.52
CA ARG B 375 -11.51 13.39 14.95
C ARG B 375 -12.49 12.45 15.66
N TYR B 376 -12.16 12.03 16.88
CA TYR B 376 -13.01 11.11 17.61
C TYR B 376 -14.04 11.80 18.51
N LYS B 377 -13.73 12.17 19.74
CA LYS B 377 -14.79 12.88 20.47
C LYS B 377 -14.28 14.30 20.67
N GLY B 378 -13.67 14.81 19.60
CA GLY B 378 -13.10 16.14 19.59
C GLY B 378 -11.59 16.07 19.48
N LYS B 379 -11.01 14.88 19.62
CA LYS B 379 -9.55 14.67 19.57
C LYS B 379 -8.93 13.81 18.43
N ALA B 380 -7.66 14.07 18.13
CA ALA B 380 -6.91 13.37 17.08
C ALA B 380 -6.54 12.02 17.62
N MET B 381 -6.51 11.02 16.75
CA MET B 381 -6.20 9.65 17.17
C MET B 381 -5.12 9.02 16.31
N GLU B 382 -4.14 8.39 16.93
CA GLU B 382 -3.14 7.71 16.15
C GLU B 382 -3.67 6.29 15.97
N VAL B 383 -3.63 5.80 14.74
CA VAL B 383 -4.12 4.48 14.45
C VAL B 383 -2.98 3.69 13.83
N GLY B 384 -3.05 2.36 13.91
CA GLY B 384 -2.00 1.53 13.33
C GLY B 384 -1.31 0.61 14.32
N PRO B 385 -0.12 0.05 13.99
CA PRO B 385 0.64 -0.85 14.86
C PRO B 385 0.86 -0.41 16.31
N LEU B 386 1.30 0.82 16.54
CA LEU B 386 1.48 1.31 17.93
C LEU B 386 0.13 1.34 18.71
N ALA B 387 -0.95 1.82 18.08
CA ALA B 387 -2.27 1.86 18.71
C ALA B 387 -2.68 0.44 19.08
N ARG B 388 -2.56 -0.46 18.12
CA ARG B 388 -2.90 -1.88 18.29
C ARG B 388 -2.12 -2.52 19.43
N THR B 389 -0.81 -2.33 19.42
CA THR B 389 0.10 -2.87 20.42
C THR B 389 -0.26 -2.38 21.81
N PHE B 390 -0.42 -1.07 21.95
CA PHE B 390 -0.77 -0.45 23.21
C PHE B 390 -2.10 -1.00 23.73
N ILE B 391 -3.16 -0.90 22.92
CA ILE B 391 -4.49 -1.41 23.29
C ILE B 391 -4.47 -2.92 23.62
N ALA B 392 -3.80 -3.71 22.78
CA ALA B 392 -3.74 -5.16 22.93
C ALA B 392 -3.03 -5.51 24.20
N TYR B 393 -1.95 -4.79 24.46
CA TYR B 393 -1.12 -5.02 25.65
C TYR B 393 -1.93 -4.66 26.91
N ALA B 394 -2.52 -3.47 26.90
CA ALA B 394 -3.36 -2.97 27.98
C ALA B 394 -4.47 -3.96 28.35
N LYS B 395 -4.89 -4.75 27.38
CA LYS B 395 -5.95 -5.74 27.60
C LYS B 395 -5.44 -7.11 28.04
N GLY B 396 -4.13 -7.27 28.06
CA GLY B 396 -3.53 -8.52 28.46
C GLY B 396 -3.52 -9.55 27.36
N GLN B 397 -3.52 -9.11 26.11
CA GLN B 397 -3.49 -10.05 24.98
C GLN B 397 -2.14 -10.74 25.14
N PRO B 398 -2.16 -12.05 25.50
CA PRO B 398 -1.00 -12.90 25.72
C PRO B 398 0.17 -12.63 24.80
N ASP B 399 -0.04 -12.90 23.52
CA ASP B 399 0.97 -12.72 22.49
C ASP B 399 1.65 -11.38 22.56
N PHE B 400 0.85 -10.32 22.65
CA PHE B 400 1.38 -8.97 22.73
C PHE B 400 2.23 -8.74 23.96
N LYS B 401 1.80 -9.32 25.08
CA LYS B 401 2.53 -9.17 26.32
C LYS B 401 3.92 -9.79 26.16
N LYS B 402 3.97 -11.04 25.69
CA LYS B 402 5.23 -11.75 25.50
C LYS B 402 6.20 -10.94 24.68
N VAL B 403 5.79 -10.65 23.44
CA VAL B 403 6.60 -9.92 22.48
C VAL B 403 6.97 -8.52 22.89
N VAL B 404 6.00 -7.73 23.38
CA VAL B 404 6.31 -6.37 23.78
C VAL B 404 7.34 -6.38 24.89
N ASP B 405 7.18 -7.29 25.84
CA ASP B 405 8.13 -7.41 26.96
C ASP B 405 9.49 -7.94 26.54
N MET B 406 9.51 -8.80 25.53
CA MET B 406 10.74 -9.34 25.01
C MET B 406 11.53 -8.17 24.40
N VAL B 407 10.79 -7.28 23.73
CA VAL B 407 11.35 -6.10 23.09
C VAL B 407 11.74 -5.06 24.15
N LEU B 408 10.80 -4.67 25.00
CA LEU B 408 11.08 -3.70 26.04
C LEU B 408 12.33 -4.14 26.81
N GLY B 409 12.44 -5.46 27.01
CA GLY B 409 13.58 -6.03 27.72
C GLY B 409 14.90 -5.97 26.94
N LYS B 410 14.96 -6.62 25.78
CA LYS B 410 16.19 -6.60 25.01
C LYS B 410 16.68 -5.18 24.76
N LEU B 411 15.75 -4.21 24.77
CA LEU B 411 16.06 -2.80 24.52
C LEU B 411 16.36 -2.03 25.80
N SER B 412 16.01 -2.64 26.93
CA SER B 412 16.22 -2.06 28.25
C SER B 412 15.64 -0.64 28.39
N VAL B 413 14.46 -0.43 27.80
CA VAL B 413 13.76 0.85 27.82
C VAL B 413 12.47 0.53 28.55
N PRO B 414 11.71 1.55 29.03
CA PRO B 414 10.45 1.33 29.76
C PRO B 414 9.38 0.68 28.89
N ALA B 415 8.34 1.42 28.55
CA ALA B 415 7.23 0.94 27.72
C ALA B 415 6.59 2.25 27.31
N THR B 416 6.85 3.24 28.16
CA THR B 416 6.45 4.61 28.02
C THR B 416 7.25 5.09 26.80
N ALA B 417 8.35 4.37 26.52
CA ALA B 417 9.31 4.60 25.43
C ALA B 417 8.70 4.27 24.06
N LEU B 418 7.68 3.43 24.06
CA LEU B 418 7.03 3.08 22.81
C LEU B 418 6.30 4.29 22.23
N HIS B 419 5.93 5.25 23.09
CA HIS B 419 5.24 6.46 22.64
C HIS B 419 6.22 7.33 21.85
N SER B 420 6.56 6.88 20.65
CA SER B 420 7.54 7.59 19.87
C SER B 420 7.72 6.97 18.50
N THR B 421 8.65 7.51 17.75
CA THR B 421 8.90 7.03 16.41
C THR B 421 9.59 5.70 16.52
N LEU B 422 10.46 5.57 17.51
CA LEU B 422 11.14 4.30 17.71
C LEU B 422 10.04 3.26 18.05
N GLY B 423 9.08 3.68 18.88
CA GLY B 423 8.00 2.81 19.33
C GLY B 423 7.11 2.33 18.23
N ARG B 424 6.65 3.28 17.43
CA ARG B 424 5.77 3.02 16.29
C ARG B 424 6.40 2.02 15.34
N THR B 425 7.71 2.21 15.12
CA THR B 425 8.50 1.40 14.23
C THR B 425 8.61 -0.04 14.69
N ALA B 426 8.84 -0.22 15.99
CA ALA B 426 9.01 -1.55 16.60
C ALA B 426 7.67 -2.26 16.66
N ALA B 427 6.60 -1.52 16.95
CA ALA B 427 5.26 -2.07 17.02
C ALA B 427 4.90 -2.79 15.72
N ARG B 428 5.22 -2.18 14.59
CA ARG B 428 4.96 -2.75 13.28
C ARG B 428 5.65 -4.12 13.20
N GLY B 429 6.87 -4.22 13.73
CA GLY B 429 7.59 -5.49 13.76
C GLY B 429 6.97 -6.47 14.75
N ILE B 430 6.74 -6.01 15.98
CA ILE B 430 6.14 -6.78 17.07
C ILE B 430 4.89 -7.52 16.57
N GLU B 431 4.01 -6.85 15.84
CA GLU B 431 2.82 -7.54 15.39
C GLU B 431 3.10 -8.43 14.18
N THR B 432 4.18 -8.18 13.46
CA THR B 432 4.48 -9.04 12.33
C THR B 432 4.83 -10.39 12.94
N ALA B 433 5.60 -10.35 14.02
CA ALA B 433 6.00 -11.55 14.75
C ALA B 433 4.76 -12.27 15.28
N ILE B 434 3.75 -11.50 15.70
CA ILE B 434 2.55 -12.14 16.20
C ILE B 434 1.69 -12.72 15.06
N VAL B 435 1.46 -11.98 13.97
CA VAL B 435 0.67 -12.56 12.87
C VAL B 435 1.38 -13.83 12.38
N CYS B 436 2.71 -13.80 12.36
CA CYS B 436 3.48 -14.97 11.93
C CYS B 436 3.26 -16.12 12.91
N ALA B 437 3.11 -15.76 14.20
CA ALA B 437 2.90 -16.71 15.28
C ALA B 437 1.57 -17.45 15.18
N ASN B 438 0.58 -16.81 14.55
CA ASN B 438 -0.76 -17.37 14.38
C ASN B 438 -1.10 -18.06 13.05
N MET B 439 -0.25 -17.96 12.03
CA MET B 439 -0.58 -18.58 10.72
C MET B 439 -0.97 -20.06 10.73
N GLU B 440 -0.09 -20.92 11.24
CA GLU B 440 -0.36 -22.35 11.25
C GLU B 440 -1.72 -22.70 11.85
N LYS B 441 -1.98 -22.13 13.01
CA LYS B 441 -3.23 -22.31 13.73
C LYS B 441 -4.42 -21.94 12.84
N TRP B 442 -4.48 -20.67 12.46
CA TRP B 442 -5.53 -20.12 11.62
C TRP B 442 -5.76 -20.92 10.34
N ILE B 443 -4.66 -21.32 9.70
CA ILE B 443 -4.69 -22.10 8.45
C ILE B 443 -5.33 -23.49 8.68
N LYS B 444 -4.96 -24.13 9.78
CA LYS B 444 -5.49 -25.46 10.11
C LYS B 444 -6.99 -25.41 10.36
N GLU B 445 -7.46 -24.36 10.99
CA GLU B 445 -8.89 -24.20 11.23
C GLU B 445 -9.60 -24.21 9.87
N MET B 446 -9.16 -23.37 8.94
CA MET B 446 -9.84 -23.32 7.65
C MET B 446 -9.61 -24.54 6.77
N ALA B 447 -8.49 -25.20 6.96
CA ALA B 447 -8.20 -26.38 6.17
C ALA B 447 -9.17 -27.45 6.65
N ASP B 448 -9.42 -27.44 7.94
CA ASP B 448 -10.32 -28.43 8.49
C ASP B 448 -11.78 -28.14 8.23
N SER B 449 -12.18 -26.88 8.34
CA SER B 449 -13.56 -26.50 8.08
C SER B 449 -13.89 -26.75 6.61
N GLY B 450 -13.05 -26.25 5.70
CA GLY B 450 -13.29 -26.43 4.29
C GLY B 450 -13.52 -27.87 3.89
N ALA B 451 -12.62 -28.75 4.37
CA ALA B 451 -12.69 -30.18 4.10
C ALA B 451 -14.01 -30.82 4.54
N LYS B 452 -14.58 -30.33 5.64
CA LYS B 452 -15.83 -30.86 6.17
C LYS B 452 -17.06 -30.34 5.44
N ASP B 453 -17.05 -29.05 5.11
CA ASP B 453 -18.16 -28.37 4.45
C ASP B 453 -17.55 -27.15 3.77
N ASN B 454 -17.64 -27.06 2.45
CA ASN B 454 -17.05 -25.93 1.72
C ASN B 454 -17.87 -24.63 1.54
N THR B 455 -18.98 -24.48 2.24
CA THR B 455 -19.80 -23.27 2.18
C THR B 455 -18.97 -21.96 2.30
N LEU B 456 -18.96 -21.17 1.22
CA LEU B 456 -18.17 -19.92 1.15
C LEU B 456 -18.96 -18.64 0.93
N CYS B 457 -20.20 -18.75 0.49
CA CYS B 457 -21.01 -17.58 0.24
C CYS B 457 -22.45 -17.84 0.69
N ALA B 458 -23.00 -16.88 1.42
CA ALA B 458 -24.37 -16.94 1.93
C ALA B 458 -25.31 -16.26 0.96
N LYS B 459 -26.59 -16.59 1.06
CA LYS B 459 -27.59 -15.98 0.19
C LYS B 459 -28.00 -14.67 0.85
N TRP B 460 -28.29 -13.66 0.05
CA TRP B 460 -28.66 -12.36 0.60
C TRP B 460 -29.60 -11.63 -0.37
N GLU B 461 -30.14 -10.47 0.04
CA GLU B 461 -31.01 -9.72 -0.85
C GLU B 461 -30.85 -8.21 -0.76
N MET B 462 -30.84 -7.55 -1.92
CA MET B 462 -30.69 -6.10 -1.98
C MET B 462 -31.88 -5.32 -1.45
N PRO B 463 -31.63 -4.46 -0.45
CA PRO B 463 -32.61 -3.60 0.22
C PRO B 463 -32.83 -2.31 -0.60
N GLU B 464 -34.03 -1.76 -0.53
CA GLU B 464 -34.30 -0.51 -1.25
C GLU B 464 -33.49 0.58 -0.51
N GLU B 465 -33.69 0.67 0.79
CA GLU B 465 -32.98 1.64 1.62
C GLU B 465 -32.31 0.83 2.74
N SER B 466 -31.11 1.26 3.13
CA SER B 466 -30.32 0.63 4.20
C SER B 466 -29.04 1.42 4.38
N LYS B 467 -28.26 1.03 5.37
CA LYS B 467 -26.98 1.67 5.60
C LYS B 467 -26.14 0.69 6.40
N GLY B 468 -24.84 0.73 6.16
CA GLY B 468 -23.96 -0.18 6.85
C GLY B 468 -22.57 0.35 6.92
N VAL B 469 -21.76 -0.33 7.75
CA VAL B 469 -20.37 0.04 7.96
C VAL B 469 -19.46 -1.19 7.98
N GLY B 470 -18.33 -1.07 7.31
CA GLY B 470 -17.37 -2.17 7.27
C GLY B 470 -16.16 -1.73 8.07
N LEU B 471 -15.84 -2.47 9.13
CA LEU B 471 -14.71 -2.10 9.95
C LEU B 471 -13.54 -3.08 9.74
N ALA B 472 -12.32 -2.57 9.82
CA ALA B 472 -11.14 -3.42 9.65
C ALA B 472 -9.91 -2.68 10.16
N ASP B 473 -8.91 -3.41 10.64
CA ASP B 473 -7.68 -2.76 11.07
C ASP B 473 -6.59 -3.25 10.16
N ALA B 474 -6.43 -2.51 9.07
CA ALA B 474 -5.45 -2.76 8.02
C ALA B 474 -4.02 -2.55 8.58
N PRO B 475 -2.96 -2.85 7.80
CA PRO B 475 -1.59 -2.65 8.31
C PRO B 475 -1.21 -1.29 8.92
N ARG B 476 -1.92 -0.24 8.54
CA ARG B 476 -1.66 1.13 9.01
C ARG B 476 -2.67 1.66 10.03
N GLY B 477 -3.70 0.87 10.32
CA GLY B 477 -4.68 1.30 11.30
C GLY B 477 -6.13 1.13 10.97
N SER B 478 -6.94 1.91 11.67
CA SER B 478 -8.38 1.97 11.58
C SER B 478 -9.08 2.35 10.28
N LEU B 479 -9.59 1.35 9.58
CA LEU B 479 -10.29 1.56 8.33
C LEU B 479 -11.81 1.29 8.44
N SER B 480 -12.64 2.23 7.98
CA SER B 480 -14.10 2.07 7.98
C SER B 480 -14.75 2.58 6.66
N HIS B 481 -15.65 1.78 6.09
CA HIS B 481 -16.37 2.14 4.85
C HIS B 481 -17.83 2.22 5.22
N TRP B 482 -18.43 3.39 5.03
CA TRP B 482 -19.82 3.61 5.40
C TRP B 482 -20.72 3.74 4.19
N ILE B 483 -21.87 3.07 4.21
CA ILE B 483 -22.74 3.16 3.06
C ILE B 483 -24.18 3.44 3.42
N ARG B 484 -24.83 4.15 2.51
CA ARG B 484 -26.23 4.49 2.57
C ARG B 484 -26.81 4.01 1.24
N ILE B 485 -27.56 2.92 1.30
CA ILE B 485 -28.19 2.41 0.09
C ILE B 485 -29.56 3.04 0.03
N LYS B 486 -29.91 3.56 -1.14
CA LYS B 486 -31.21 4.19 -1.37
C LYS B 486 -31.54 3.88 -2.82
N GLY B 487 -32.75 3.40 -3.04
CA GLY B 487 -33.17 3.05 -4.39
C GLY B 487 -32.51 1.79 -4.87
N LYS B 488 -31.88 1.05 -3.94
CA LYS B 488 -31.14 -0.20 -4.21
C LYS B 488 -29.80 0.19 -4.87
N LYS B 489 -29.42 1.47 -4.72
CA LYS B 489 -28.17 2.04 -5.26
C LYS B 489 -27.38 2.85 -4.20
N ILE B 490 -26.20 3.31 -4.57
CA ILE B 490 -25.37 4.08 -3.67
C ILE B 490 -25.78 5.56 -3.58
N ASP B 491 -26.24 5.94 -2.39
CA ASP B 491 -26.67 7.31 -2.11
C ASP B 491 -25.48 8.04 -1.53
N ASN B 492 -24.73 7.33 -0.69
CA ASN B 492 -23.54 7.85 -0.06
C ASN B 492 -22.63 6.66 0.21
N PHE B 493 -21.34 6.86 -0.06
CA PHE B 493 -20.30 5.87 0.26
C PHE B 493 -19.10 6.65 0.74
N GLN B 494 -18.77 6.56 2.02
CA GLN B 494 -17.66 7.32 2.58
C GLN B 494 -16.58 6.46 3.20
N LEU B 495 -15.32 6.74 2.88
CA LEU B 495 -14.23 6.00 3.51
C LEU B 495 -13.45 6.93 4.44
N VAL B 496 -13.12 6.42 5.62
CA VAL B 496 -12.31 7.10 6.64
C VAL B 496 -11.16 6.12 6.86
N VAL B 497 -10.02 6.44 6.26
CA VAL B 497 -8.87 5.54 6.22
C VAL B 497 -7.76 5.83 7.25
N PRO B 498 -7.02 4.80 7.70
CA PRO B 498 -5.94 4.90 8.67
C PRO B 498 -5.06 6.13 8.49
N SER B 499 -4.58 6.32 7.27
CA SER B 499 -3.70 7.45 7.00
C SER B 499 -4.41 8.77 7.12
N THR B 500 -5.74 8.78 7.02
CA THR B 500 -6.48 10.06 7.16
C THR B 500 -6.40 10.48 8.63
N TRP B 501 -6.46 9.48 9.52
CA TRP B 501 -6.37 9.73 10.97
C TRP B 501 -4.98 10.28 11.28
N ASN B 502 -3.96 9.54 10.90
CA ASN B 502 -2.58 9.92 11.18
C ASN B 502 -1.99 11.13 10.43
N LEU B 503 -2.29 11.26 9.14
CA LEU B 503 -1.71 12.37 8.36
C LEU B 503 -2.62 13.44 7.83
N GLY B 504 -3.89 13.45 8.21
CA GLY B 504 -4.76 14.50 7.73
C GLY B 504 -4.31 15.79 8.38
N PRO B 505 -4.86 16.95 7.99
CA PRO B 505 -4.47 18.23 8.60
C PRO B 505 -5.12 18.45 9.95
N ARG B 506 -5.28 19.71 10.30
CA ARG B 506 -5.91 20.08 11.55
C ARG B 506 -7.43 20.01 11.46
N GLY B 507 -8.04 19.78 12.63
CA GLY B 507 -9.49 19.78 12.75
C GLY B 507 -9.88 21.25 12.79
N PRO B 508 -11.15 21.60 13.02
CA PRO B 508 -11.59 23.01 13.05
C PRO B 508 -11.12 23.72 14.30
N GLN B 509 -10.70 22.95 15.29
CA GLN B 509 -10.19 23.52 16.51
C GLN B 509 -8.73 23.94 16.28
N GLY B 510 -8.21 23.80 15.06
CA GLY B 510 -6.82 24.16 14.78
C GLY B 510 -5.87 23.13 15.34
N ASP B 511 -6.41 22.04 15.85
CA ASP B 511 -5.63 20.97 16.44
C ASP B 511 -4.93 20.07 15.44
N LYS B 512 -3.63 19.92 15.64
CA LYS B 512 -2.77 19.13 14.77
C LYS B 512 -3.17 17.67 14.68
N SER B 513 -2.73 16.99 13.63
CA SER B 513 -3.04 15.58 13.47
C SER B 513 -1.90 14.81 14.14
N PRO B 514 -1.99 13.46 14.21
CA PRO B 514 -0.89 12.73 14.85
C PRO B 514 0.50 13.04 14.26
N VAL B 515 0.62 13.04 12.93
CA VAL B 515 1.92 13.30 12.30
C VAL B 515 2.45 14.71 12.58
N GLU B 516 1.57 15.71 12.47
CA GLU B 516 1.94 17.10 12.71
C GLU B 516 2.41 17.31 14.14
N GLU B 517 1.80 16.59 15.08
CA GLU B 517 2.14 16.61 16.53
C GLU B 517 3.48 15.85 16.78
N ALA B 518 3.66 14.71 16.13
CA ALA B 518 4.88 13.91 16.25
C ALA B 518 6.09 14.62 15.68
N LEU B 519 5.84 15.53 14.74
CA LEU B 519 6.93 16.25 14.09
C LEU B 519 7.52 17.34 14.95
N ILE B 520 6.73 17.90 15.86
CA ILE B 520 7.22 18.96 16.74
C ILE B 520 8.30 18.40 17.68
N GLY B 521 9.44 19.06 17.72
CA GLY B 521 10.51 18.60 18.58
C GLY B 521 11.50 17.71 17.86
N THR B 522 11.30 17.55 16.56
CA THR B 522 12.20 16.74 15.75
C THR B 522 13.49 17.54 15.54
N PRO B 523 14.63 16.92 15.85
CA PRO B 523 15.97 17.50 15.72
C PRO B 523 16.48 17.38 14.28
N ILE B 524 16.99 18.49 13.74
CA ILE B 524 17.50 18.52 12.38
C ILE B 524 19.02 18.72 12.40
N ALA B 525 19.79 17.65 12.28
CA ALA B 525 21.24 17.71 12.29
C ALA B 525 21.73 18.51 11.12
N ASP B 526 21.04 18.36 9.99
CA ASP B 526 21.45 19.06 8.77
C ASP B 526 20.25 19.41 7.91
N PRO B 527 19.78 20.67 7.95
CA PRO B 527 18.63 21.16 7.17
C PRO B 527 18.62 20.87 5.67
N LYS B 528 19.80 20.67 5.10
CA LYS B 528 19.92 20.40 3.67
C LYS B 528 19.54 18.96 3.35
N ARG B 529 19.75 18.07 4.32
CA ARG B 529 19.42 16.65 4.19
C ARG B 529 18.71 16.26 5.49
N PRO B 530 17.44 16.66 5.64
CA PRO B 530 16.61 16.38 6.82
C PRO B 530 16.07 14.96 7.04
N VAL B 531 16.95 13.98 7.20
CA VAL B 531 16.55 12.57 7.40
C VAL B 531 15.57 12.35 8.57
N GLU B 532 15.71 13.17 9.61
CA GLU B 532 14.88 13.10 10.81
C GLU B 532 13.43 13.31 10.50
N ILE B 533 13.13 14.27 9.64
CA ILE B 533 11.76 14.54 9.24
C ILE B 533 11.17 13.28 8.60
N LEU B 534 11.95 12.67 7.73
CA LEU B 534 11.49 11.49 7.03
C LEU B 534 11.31 10.32 7.95
N ARG B 535 12.19 10.19 8.94
CA ARG B 535 12.14 9.09 9.91
C ARG B 535 10.82 9.01 10.64
N THR B 536 10.39 10.16 11.18
CA THR B 536 9.12 10.29 11.90
C THR B 536 7.98 10.04 10.89
N VAL B 537 7.98 10.76 9.77
CA VAL B 537 6.97 10.57 8.75
C VAL B 537 6.84 9.11 8.26
N HIS B 538 7.94 8.40 8.00
CA HIS B 538 7.86 7.01 7.54
C HIS B 538 7.43 6.02 8.62
N ALA B 539 7.64 6.36 9.89
CA ALA B 539 7.29 5.49 10.99
C ALA B 539 5.79 5.27 11.01
N PHE B 540 5.06 6.28 10.54
CA PHE B 540 3.59 6.28 10.45
C PHE B 540 3.14 5.46 9.24
N ASP B 541 4.07 5.09 8.36
CA ASP B 541 3.75 4.31 7.18
C ASP B 541 2.62 5.06 6.42
N PRO B 542 2.92 6.30 5.91
CA PRO B 542 1.93 7.10 5.21
C PRO B 542 1.50 6.54 3.90
N CYS B 543 0.21 6.62 3.65
CA CYS B 543 -0.35 6.20 2.37
C CYS B 543 -1.38 7.26 2.01
N ILE B 544 -0.93 8.20 1.19
CA ILE B 544 -1.69 9.34 0.75
C ILE B 544 -2.87 9.02 -0.19
N ALA B 545 -2.75 7.93 -0.98
CA ALA B 545 -3.82 7.52 -1.91
C ALA B 545 -4.97 7.00 -1.05
N CYS B 546 -4.61 6.22 -0.04
CA CYS B 546 -5.52 5.66 0.96
C CYS B 546 -6.17 6.81 1.69
N GLY B 547 -5.36 7.77 2.12
CA GLY B 547 -5.85 8.89 2.87
C GLY B 547 -6.83 9.80 2.18
N VAL B 548 -6.55 10.15 0.93
CA VAL B 548 -7.43 11.05 0.20
C VAL B 548 -8.56 10.41 -0.60
N HIS B 549 -8.24 9.29 -1.27
CA HIS B 549 -9.16 8.56 -2.14
C HIS B 549 -10.00 9.49 -3.03
#